data_8Q78
#
_entry.id   8Q78
#
_cell.length_a   45.727
_cell.length_b   53.611
_cell.length_c   100.770
_cell.angle_alpha   90.03
_cell.angle_beta   90.02
_cell.angle_gamma   64.79
#
_symmetry.space_group_name_H-M   'P 1'
#
loop_
_entity.id
_entity.type
_entity.pdbx_description
1 polymer 'TPP-3077 VHH'
2 non-polymer (4S)-2-METHYL-2,4-PENTANEDIOL
3 water water
#
_entity_poly.entity_id   1
_entity_poly.type   'polypeptide(L)'
_entity_poly.pdbx_seq_one_letter_code
;EVQLLESGGGLVQPGGSLRLSCAASGRISSIIHMAWFRQAPGKERELVSEISRVGTTVYADSVKGRFTISRDNSKNTLYL
QMNSLKPEDTAVYYCNALQYEKHGGADYWGQGTLVTVSSHHHHHH
;
_entity_poly.pdbx_strand_id   A,B,C,D,E,F,G,H
#
# COMPACT_ATOMS: atom_id res chain seq x y z
N GLU A 1 8.17 -4.71 28.65
CA GLU A 1 6.91 -5.00 27.94
C GLU A 1 7.04 -4.77 26.46
N VAL A 2 6.27 -5.54 25.72
CA VAL A 2 6.08 -5.36 24.27
C VAL A 2 4.62 -4.98 24.05
N GLN A 3 4.37 -3.85 23.38
CA GLN A 3 3.01 -3.47 23.05
C GLN A 3 2.77 -3.92 21.60
N LEU A 4 1.58 -4.42 21.34
CA LEU A 4 1.22 -4.96 20.04
C LEU A 4 -0.10 -4.29 19.64
N LEU A 5 -0.10 -3.61 18.49
CA LEU A 5 -1.25 -2.85 18.03
C LEU A 5 -1.75 -3.43 16.71
N GLU A 6 -2.97 -3.98 16.73
CA GLU A 6 -3.50 -4.65 15.56
C GLU A 6 -4.42 -3.72 14.76
N SER A 7 -4.47 -3.99 13.46
CA SER A 7 -5.38 -3.36 12.55
C SER A 7 -5.65 -4.32 11.39
N GLY A 8 -6.65 -3.98 10.59
CA GLY A 8 -6.88 -4.66 9.35
C GLY A 8 -8.15 -5.49 9.26
N GLY A 9 -8.81 -5.76 10.34
CA GLY A 9 -9.98 -6.63 10.32
C GLY A 9 -11.19 -5.91 9.76
N GLY A 10 -12.31 -6.61 9.72
CA GLY A 10 -13.57 -6.03 9.30
C GLY A 10 -14.49 -7.11 8.76
N LEU A 11 -15.38 -6.71 7.86
CA LEU A 11 -16.42 -7.60 7.34
C LEU A 11 -16.03 -7.96 5.91
N VAL A 12 -16.24 -9.22 5.51
CA VAL A 12 -15.86 -9.71 4.20
C VAL A 12 -16.78 -10.86 3.84
N GLN A 13 -16.95 -11.08 2.53
CA GLN A 13 -17.74 -12.22 2.08
C GLN A 13 -16.89 -13.47 1.93
N PRO A 14 -17.54 -14.66 1.96
CA PRO A 14 -16.78 -15.90 1.75
C PRO A 14 -16.08 -15.87 0.42
N GLY A 15 -14.88 -16.41 0.40
CA GLY A 15 -14.02 -16.30 -0.76
C GLY A 15 -13.19 -15.02 -0.81
N GLY A 16 -13.45 -14.05 0.07
CA GLY A 16 -12.72 -12.81 0.10
C GLY A 16 -11.37 -12.93 0.77
N SER A 17 -10.72 -11.78 0.87
CA SER A 17 -9.41 -11.66 1.46
C SER A 17 -9.31 -10.43 2.37
N LEU A 18 -8.43 -10.51 3.37
CA LEU A 18 -8.11 -9.39 4.21
C LEU A 18 -6.65 -9.52 4.59
N ARG A 19 -5.99 -8.42 4.92
CA ARG A 19 -4.65 -8.46 5.47
C ARG A 19 -4.64 -7.80 6.84
N LEU A 20 -4.26 -8.54 7.85
CA LEU A 20 -4.13 -7.97 9.19
C LEU A 20 -2.73 -7.48 9.43
N SER A 21 -2.59 -6.47 10.28
CA SER A 21 -1.30 -5.92 10.64
C SER A 21 -1.16 -5.88 12.13
N CYS A 22 0.06 -6.00 12.60
CA CYS A 22 0.37 -5.92 14.02
C CYS A 22 1.65 -5.15 14.18
N ALA A 23 1.60 -3.97 14.78
CA ALA A 23 2.76 -3.13 14.96
C ALA A 23 3.30 -3.34 16.36
N ALA A 24 4.57 -3.70 16.52
CA ALA A 24 5.19 -3.96 17.80
C ALA A 24 6.10 -2.84 18.23
N SER A 25 6.14 -2.60 19.53
CA SER A 25 7.03 -1.60 20.12
C SER A 25 7.33 -2.01 21.54
N GLY A 26 8.30 -1.34 22.12
CA GLY A 26 8.71 -1.60 23.48
C GLY A 26 10.03 -2.37 23.50
N ARG A 27 10.25 -3.16 24.54
CA ARG A 27 11.55 -3.81 24.74
C ARG A 27 11.46 -5.18 24.11
N ILE A 28 11.79 -5.23 22.84
CA ILE A 28 11.64 -6.41 22.00
C ILE A 28 12.95 -7.17 22.00
N SER A 29 12.87 -8.46 22.31
CA SER A 29 14.07 -9.28 22.40
C SER A 29 14.62 -9.59 21.02
N SER A 30 15.93 -9.89 21.00
CA SER A 30 16.54 -10.42 19.79
C SER A 30 15.97 -11.76 19.39
N ILE A 31 15.42 -12.54 20.33
CA ILE A 31 14.84 -13.85 20.04
C ILE A 31 13.37 -13.71 20.46
N ILE A 32 12.51 -13.61 19.48
CA ILE A 32 11.10 -13.28 19.65
C ILE A 32 10.33 -14.06 18.60
N HIS A 33 9.28 -14.74 19.04
CA HIS A 33 8.41 -15.51 18.18
C HIS A 33 7.10 -14.78 18.09
N MET A 34 6.69 -14.46 16.89
CA MET A 34 5.47 -13.67 16.68
C MET A 34 4.41 -14.60 16.13
N ALA A 35 3.16 -14.38 16.54
CA ALA A 35 2.11 -15.30 16.17
C ALA A 35 0.81 -14.52 15.95
N TRP A 36 -0.07 -15.13 15.17
CA TRP A 36 -1.48 -14.79 15.13
C TRP A 36 -2.25 -15.90 15.76
N PHE A 37 -3.16 -15.56 16.68
CA PHE A 37 -4.14 -16.47 17.26
C PHE A 37 -5.54 -15.98 16.93
N ARG A 38 -6.55 -16.82 17.12
CA ARG A 38 -7.93 -16.37 16.95
C ARG A 38 -8.82 -16.97 18.03
N GLN A 39 -9.91 -16.29 18.36
CA GLN A 39 -10.88 -16.73 19.35
C GLN A 39 -12.25 -16.52 18.70
N ALA A 40 -13.00 -17.59 18.54
CA ALA A 40 -14.35 -17.55 18.03
C ALA A 40 -15.33 -18.08 19.07
N PRO A 41 -16.62 -17.74 18.97
CA PRO A 41 -17.60 -18.34 19.88
C PRO A 41 -17.63 -19.84 19.69
N GLY A 42 -17.72 -20.55 20.80
CA GLY A 42 -17.87 -21.98 20.74
C GLY A 42 -16.59 -22.76 20.50
N LYS A 43 -15.44 -22.11 20.52
CA LYS A 43 -14.17 -22.76 20.25
C LYS A 43 -13.14 -22.23 21.24
N GLU A 44 -12.06 -23.00 21.42
CA GLU A 44 -10.92 -22.55 22.17
C GLU A 44 -10.08 -21.61 21.32
N ARG A 45 -9.34 -20.74 22.01
CA ARG A 45 -8.30 -19.92 21.38
C ARG A 45 -7.42 -20.84 20.55
N GLU A 46 -7.07 -20.44 19.33
CA GLU A 46 -6.37 -21.29 18.39
C GLU A 46 -5.22 -20.53 17.77
N LEU A 47 -4.05 -21.17 17.72
CA LEU A 47 -2.91 -20.67 16.97
C LEU A 47 -3.28 -20.70 15.49
N VAL A 48 -3.02 -19.61 14.78
CA VAL A 48 -3.25 -19.53 13.35
C VAL A 48 -1.95 -19.67 12.59
N SER A 49 -0.97 -18.85 12.92
CA SER A 49 0.34 -18.88 12.25
C SER A 49 1.40 -18.27 13.16
N GLU A 50 2.65 -18.61 12.93
CA GLU A 50 3.76 -18.08 13.71
C GLU A 50 5.00 -17.94 12.85
N ILE A 51 5.87 -17.01 13.21
CA ILE A 51 7.13 -16.79 12.48
C ILE A 51 8.22 -16.43 13.48
N SER A 52 9.40 -17.00 13.26
CA SER A 52 10.57 -16.67 14.04
C SER A 52 11.35 -15.56 13.35
N ARG A 53 12.37 -15.01 14.02
CA ARG A 53 13.10 -13.89 13.42
C ARG A 53 13.78 -14.28 12.12
N VAL A 54 14.28 -15.51 12.00
CA VAL A 54 14.91 -15.91 10.76
C VAL A 54 13.91 -16.31 9.68
N GLY A 55 12.63 -16.32 9.98
CA GLY A 55 11.59 -16.53 9.01
C GLY A 55 10.97 -17.90 8.95
N THR A 56 11.33 -18.83 9.86
CA THR A 56 10.62 -20.10 9.92
C THR A 56 9.17 -19.85 10.25
N THR A 57 8.27 -20.61 9.60
CA THR A 57 6.84 -20.39 9.81
C THR A 57 6.13 -21.71 10.13
N VAL A 58 5.03 -21.58 10.86
CA VAL A 58 4.12 -22.68 11.12
C VAL A 58 2.71 -22.15 10.87
N TYR A 59 1.82 -23.05 10.48
CA TYR A 59 0.45 -22.75 10.22
C TYR A 59 -0.46 -23.80 10.84
N ALA A 60 -1.61 -23.39 11.35
CA ALA A 60 -2.66 -24.35 11.72
C ALA A 60 -3.09 -25.11 10.48
N ASP A 61 -3.41 -26.40 10.66
CA ASP A 61 -3.78 -27.25 9.53
C ASP A 61 -4.96 -26.67 8.77
N SER A 62 -5.90 -26.04 9.47
CA SER A 62 -7.09 -25.55 8.79
C SER A 62 -6.87 -24.30 7.93
N VAL A 63 -5.71 -23.64 8.00
CA VAL A 63 -5.42 -22.45 7.21
C VAL A 63 -4.29 -22.67 6.24
N LYS A 64 -3.62 -23.82 6.27
CA LYS A 64 -2.54 -24.08 5.34
C LYS A 64 -2.97 -23.91 3.90
N GLY A 65 -2.16 -23.18 3.15
CA GLY A 65 -2.41 -22.88 1.80
C GLY A 65 -3.26 -21.64 1.55
N ARG A 66 -3.99 -21.17 2.55
CA ARG A 66 -4.89 -20.02 2.39
C ARG A 66 -4.35 -18.78 3.05
N PHE A 67 -3.62 -18.92 4.16
CA PHE A 67 -3.10 -17.77 4.91
C PHE A 67 -1.58 -17.73 4.79
N THR A 68 -1.00 -16.53 4.85
CA THR A 68 0.44 -16.34 4.75
C THR A 68 0.82 -15.28 5.77
N ILE A 69 1.75 -15.59 6.64
CA ILE A 69 2.28 -14.63 7.62
C ILE A 69 3.47 -13.93 7.00
N SER A 70 3.63 -12.65 7.29
CA SER A 70 4.69 -11.85 6.67
C SER A 70 5.02 -10.68 7.58
N ARG A 71 5.97 -9.83 7.12
CA ARG A 71 6.52 -8.75 7.95
C ARG A 71 6.90 -7.56 7.11
N ASP A 72 6.91 -6.38 7.72
CA ASP A 72 7.68 -5.23 7.24
C ASP A 72 8.50 -4.75 8.44
N ASN A 73 9.78 -5.14 8.49
CA ASN A 73 10.60 -4.83 9.65
C ASN A 73 10.91 -3.34 9.76
N SER A 74 10.79 -2.59 8.68
CA SER A 74 11.05 -1.16 8.74
C SER A 74 10.00 -0.46 9.61
N LYS A 75 8.85 -1.10 9.80
CA LYS A 75 7.75 -0.62 10.64
C LYS A 75 7.56 -1.49 11.87
N ASN A 76 8.47 -2.43 12.15
CA ASN A 76 8.30 -3.42 13.22
C ASN A 76 6.95 -4.12 13.19
N THR A 77 6.49 -4.44 11.98
CA THR A 77 5.13 -4.91 11.75
C THR A 77 5.10 -6.33 11.24
N LEU A 78 4.16 -7.08 11.78
CA LEU A 78 3.79 -8.43 11.42
C LEU A 78 2.49 -8.35 10.62
N TYR A 79 2.38 -9.13 9.55
CA TYR A 79 1.16 -9.19 8.75
C TYR A 79 0.59 -10.60 8.70
N LEU A 80 -0.70 -10.71 8.47
CA LEU A 80 -1.34 -11.98 8.12
C LEU A 80 -2.19 -11.71 6.88
N GLN A 81 -1.79 -12.27 5.75
CA GLN A 81 -2.61 -12.26 4.56
C GLN A 81 -3.56 -13.42 4.72
N MET A 82 -4.85 -13.18 4.57
CA MET A 82 -5.88 -14.19 4.60
C MET A 82 -6.55 -14.19 3.25
N ASN A 83 -6.50 -15.31 2.59
CA ASN A 83 -7.13 -15.52 1.29
C ASN A 83 -8.17 -16.63 1.45
N SER A 84 -9.09 -16.70 0.48
CA SER A 84 -10.10 -17.77 0.41
C SER A 84 -10.84 -17.94 1.75
N LEU A 85 -11.26 -16.82 2.31
CA LEU A 85 -11.85 -16.82 3.65
C LEU A 85 -13.15 -17.60 3.66
N LYS A 86 -13.41 -18.29 4.77
CA LYS A 86 -14.55 -19.15 4.97
C LYS A 86 -15.32 -18.64 6.19
N PRO A 87 -16.62 -18.96 6.30
CA PRO A 87 -17.37 -18.56 7.51
C PRO A 87 -16.75 -19.02 8.82
N GLU A 88 -16.12 -20.18 8.81
CA GLU A 88 -15.52 -20.67 10.05
C GLU A 88 -14.24 -19.94 10.42
N ASP A 89 -13.73 -19.04 9.56
CA ASP A 89 -12.64 -18.15 9.93
C ASP A 89 -13.09 -16.94 10.75
N THR A 90 -14.40 -16.75 10.95
CA THR A 90 -14.87 -15.65 11.76
C THR A 90 -14.37 -15.77 13.17
N ALA A 91 -13.78 -14.71 13.70
CA ALA A 91 -13.18 -14.71 15.03
C ALA A 91 -12.56 -13.35 15.30
N VAL A 92 -12.24 -13.10 16.57
CA VAL A 92 -11.31 -12.03 16.88
C VAL A 92 -9.91 -12.59 16.68
N TYR A 93 -9.10 -11.91 15.91
CA TYR A 93 -7.72 -12.30 15.68
C TYR A 93 -6.79 -11.46 16.53
N TYR A 94 -5.86 -12.10 17.21
CA TYR A 94 -4.89 -11.44 18.08
C TYR A 94 -3.47 -11.64 17.56
N CYS A 95 -2.65 -10.61 17.68
CA CYS A 95 -1.19 -10.62 17.56
C CYS A 95 -0.64 -11.06 18.93
N ASN A 96 0.38 -11.91 18.93
CA ASN A 96 1.05 -12.40 20.13
C ASN A 96 2.53 -12.39 19.93
N ALA A 97 3.28 -12.12 20.99
CA ALA A 97 4.73 -12.16 20.95
C ALA A 97 5.24 -12.93 22.14
N LEU A 98 6.14 -13.86 21.91
CA LEU A 98 6.65 -14.75 22.93
C LEU A 98 8.15 -14.55 23.06
N GLN A 99 8.58 -14.11 24.25
CA GLN A 99 9.99 -13.93 24.49
C GLN A 99 10.23 -14.16 25.97
N TYR A 100 11.48 -14.39 26.33
CA TYR A 100 11.80 -14.46 27.75
C TYR A 100 11.88 -13.09 28.39
N GLU A 101 11.45 -13.03 29.65
CA GLU A 101 11.81 -11.97 30.58
C GLU A 101 12.62 -12.63 31.69
N LYS A 102 13.08 -11.82 32.66
CA LYS A 102 13.99 -12.32 33.67
C LYS A 102 13.45 -13.52 34.42
N HIS A 103 12.15 -13.58 34.71
CA HIS A 103 11.56 -14.62 35.52
C HIS A 103 11.00 -15.77 34.71
N GLY A 104 10.99 -15.67 33.38
CA GLY A 104 10.37 -16.70 32.58
C GLY A 104 9.80 -16.13 31.30
N GLY A 105 9.12 -16.99 30.59
CA GLY A 105 8.49 -16.58 29.37
C GLY A 105 7.35 -15.59 29.59
N ALA A 106 7.17 -14.72 28.60
CA ALA A 106 6.06 -13.78 28.54
C ALA A 106 5.39 -13.89 27.19
N ASP A 107 4.07 -13.96 27.19
CA ASP A 107 3.26 -14.01 25.98
C ASP A 107 2.50 -12.69 25.97
N TYR A 108 2.97 -11.77 25.14
CA TYR A 108 2.35 -10.44 25.04
C TYR A 108 1.23 -10.52 24.04
N TRP A 109 0.11 -9.84 24.32
CA TRP A 109 -1.09 -9.86 23.50
C TRP A 109 -1.37 -8.49 22.92
N GLY A 110 -1.81 -8.47 21.69
CA GLY A 110 -2.51 -7.33 21.11
C GLY A 110 -3.94 -7.26 21.58
N GLN A 111 -4.65 -6.23 21.11
CA GLN A 111 -6.01 -6.02 21.60
C GLN A 111 -7.01 -6.98 20.96
N GLY A 112 -6.70 -7.35 19.72
CA GLY A 112 -7.61 -8.03 18.82
C GLY A 112 -8.21 -7.17 17.71
N THR A 113 -8.50 -7.80 16.60
CA THR A 113 -9.18 -7.18 15.47
C THR A 113 -10.21 -8.20 14.99
N LEU A 114 -11.47 -7.75 14.88
CA LEU A 114 -12.57 -8.66 14.56
C LEU A 114 -12.56 -8.92 13.07
N VAL A 115 -12.77 -10.17 12.69
CA VAL A 115 -12.94 -10.58 11.30
C VAL A 115 -14.22 -11.36 11.22
N THR A 116 -15.14 -10.90 10.42
CA THR A 116 -16.43 -11.57 10.22
C THR A 116 -16.58 -11.91 8.76
N VAL A 117 -16.71 -13.20 8.47
CA VAL A 117 -16.86 -13.71 7.12
C VAL A 117 -18.30 -14.23 7.02
N SER A 118 -19.11 -13.58 6.19
CA SER A 118 -20.52 -13.96 6.08
C SER A 118 -21.09 -13.55 4.74
N SER A 119 -21.96 -14.42 4.21
CA SER A 119 -22.77 -14.10 3.04
C SER A 119 -23.99 -13.25 3.40
N HIS A 120 -24.49 -13.37 4.62
CA HIS A 120 -25.64 -12.64 5.13
C HIS A 120 -25.23 -11.80 6.35
N HIS A 121 -24.57 -10.67 6.08
CA HIS A 121 -24.26 -9.70 7.14
C HIS A 121 -25.55 -8.93 7.44
N GLU B 1 -31.14 -1.76 -2.51
CA GLU B 1 -30.20 -1.67 -1.37
C GLU B 1 -28.76 -1.75 -1.87
N VAL B 2 -27.85 -1.00 -1.24
CA VAL B 2 -26.42 -1.13 -1.44
C VAL B 2 -25.84 -1.56 -0.11
N GLN B 3 -25.10 -2.68 -0.11
CA GLN B 3 -24.38 -3.16 1.05
C GLN B 3 -22.96 -2.64 1.01
N LEU B 4 -22.45 -2.18 2.16
CA LEU B 4 -21.11 -1.63 2.27
C LEU B 4 -20.40 -2.37 3.38
N LEU B 5 -19.32 -3.06 3.03
CA LEU B 5 -18.58 -3.85 4.01
C LEU B 5 -17.24 -3.18 4.20
N GLU B 6 -16.98 -2.70 5.42
CA GLU B 6 -15.77 -1.97 5.72
C GLU B 6 -14.74 -2.87 6.39
N SER B 7 -13.48 -2.54 6.15
CA SER B 7 -12.38 -3.20 6.82
C SER B 7 -11.20 -2.24 6.84
N GLY B 8 -10.17 -2.60 7.63
CA GLY B 8 -8.89 -1.93 7.59
C GLY B 8 -8.54 -1.08 8.78
N GLY B 9 -9.46 -0.83 9.69
CA GLY B 9 -9.19 0.03 10.83
C GLY B 9 -8.44 -0.69 11.96
N GLY B 10 -8.20 0.02 13.03
CA GLY B 10 -7.56 -0.51 14.18
C GLY B 10 -6.72 0.53 14.90
N LEU B 11 -5.67 0.06 15.54
CA LEU B 11 -4.82 0.87 16.39
C LEU B 11 -3.49 1.15 15.72
N VAL B 12 -3.00 2.36 15.88
CA VAL B 12 -1.74 2.81 15.31
C VAL B 12 -1.14 3.87 16.22
N GLN B 13 0.19 4.09 16.10
CA GLN B 13 0.89 5.19 16.74
C GLN B 13 0.87 6.41 15.83
N PRO B 14 1.05 7.63 16.38
CA PRO B 14 1.11 8.80 15.52
C PRO B 14 2.26 8.70 14.53
N GLY B 15 2.02 9.20 13.34
CA GLY B 15 2.93 9.05 12.23
C GLY B 15 2.75 7.78 11.42
N GLY B 16 1.94 6.83 11.90
CA GLY B 16 1.69 5.61 11.19
C GLY B 16 0.68 5.82 10.06
N SER B 17 0.34 4.72 9.41
CA SER B 17 -0.59 4.72 8.28
C SER B 17 -1.55 3.54 8.36
N LEU B 18 -2.73 3.72 7.78
CA LEU B 18 -3.71 2.65 7.64
C LEU B 18 -4.34 2.80 6.27
N ARG B 19 -4.93 1.74 5.76
CA ARG B 19 -5.72 1.79 4.55
C ARG B 19 -7.09 1.19 4.83
N LEU B 20 -8.12 2.00 4.75
CA LEU B 20 -9.47 1.50 4.93
C LEU B 20 -10.01 1.08 3.58
N SER B 21 -10.88 0.05 3.58
CA SER B 21 -11.51 -0.46 2.38
C SER B 21 -13.01 -0.53 2.61
N CYS B 22 -13.78 -0.27 1.55
CA CYS B 22 -15.22 -0.38 1.59
C CYS B 22 -15.64 -1.07 0.31
N ALA B 23 -16.18 -2.27 0.45
CA ALA B 23 -16.62 -3.08 -0.69
C ALA B 23 -18.12 -2.88 -0.84
N ALA B 24 -18.56 -2.35 -1.99
CA ALA B 24 -19.95 -2.09 -2.25
C ALA B 24 -20.51 -3.20 -3.13
N SER B 25 -21.76 -3.57 -2.87
CA SER B 25 -22.46 -4.54 -3.70
C SER B 25 -23.93 -4.21 -3.61
N GLY B 26 -24.71 -4.83 -4.47
CA GLY B 26 -26.12 -4.61 -4.52
C GLY B 26 -26.53 -3.80 -5.73
N ARG B 27 -27.61 -3.04 -5.59
CA ARG B 27 -28.19 -2.32 -6.74
C ARG B 27 -27.57 -0.92 -6.76
N ILE B 28 -26.45 -0.80 -7.42
CA ILE B 28 -25.61 0.39 -7.47
C ILE B 28 -25.96 1.15 -8.73
N SER B 29 -26.26 2.43 -8.57
CA SER B 29 -26.58 3.24 -9.71
C SER B 29 -25.33 3.58 -10.50
N SER B 30 -25.55 3.83 -11.78
CA SER B 30 -24.49 4.42 -12.60
C SER B 30 -24.10 5.81 -12.11
N ILE B 31 -24.98 6.49 -11.35
CA ILE B 31 -24.74 7.84 -10.82
C ILE B 31 -24.84 7.68 -9.31
N ILE B 32 -23.70 7.72 -8.64
CA ILE B 32 -23.65 7.39 -7.21
C ILE B 32 -22.54 8.21 -6.56
N HIS B 33 -22.85 8.77 -5.40
CA HIS B 33 -21.86 9.42 -4.55
C HIS B 33 -21.26 8.37 -3.61
N MET B 34 -19.94 8.41 -3.44
CA MET B 34 -19.24 7.54 -2.50
C MET B 34 -18.33 8.40 -1.68
N ALA B 35 -18.24 8.11 -0.39
CA ALA B 35 -17.44 8.95 0.49
C ALA B 35 -17.05 8.18 1.75
N TRP B 36 -16.05 8.72 2.44
CA TRP B 36 -15.75 8.39 3.80
C TRP B 36 -16.13 9.55 4.69
N PHE B 37 -16.78 9.21 5.79
CA PHE B 37 -17.05 10.13 6.89
C PHE B 37 -16.38 9.62 8.16
N ARG B 38 -16.31 10.47 9.19
CA ARG B 38 -15.83 10.03 10.48
C ARG B 38 -16.56 10.76 11.58
N GLN B 39 -16.57 10.15 12.77
CA GLN B 39 -17.08 10.77 13.96
C GLN B 39 -16.04 10.58 15.05
N ALA B 40 -15.40 11.66 15.42
CA ALA B 40 -14.36 11.68 16.44
C ALA B 40 -14.99 11.92 17.80
N PRO B 41 -14.31 11.50 18.88
CA PRO B 41 -14.85 11.73 20.23
C PRO B 41 -15.05 13.22 20.47
N GLY B 42 -16.25 13.57 20.95
CA GLY B 42 -16.55 14.98 21.24
C GLY B 42 -16.94 15.79 20.02
N LYS B 43 -17.14 15.18 18.88
CA LYS B 43 -17.46 15.87 17.64
C LYS B 43 -18.61 15.20 16.92
N GLU B 44 -19.32 15.95 16.08
CA GLU B 44 -20.32 15.42 15.17
C GLU B 44 -19.63 14.79 13.95
N ARG B 45 -20.35 13.86 13.28
CA ARG B 45 -19.87 13.21 12.08
C ARG B 45 -19.57 14.25 11.02
N GLU B 46 -18.46 14.02 10.29
CA GLU B 46 -18.00 14.96 9.26
C GLU B 46 -17.57 14.17 8.03
N LEU B 47 -17.77 14.77 6.86
CA LEU B 47 -17.19 14.22 5.64
C LEU B 47 -15.67 14.30 5.69
N VAL B 48 -15.00 13.21 5.36
CA VAL B 48 -13.56 13.15 5.24
C VAL B 48 -13.14 13.33 3.80
N SER B 49 -13.74 12.55 2.92
CA SER B 49 -13.39 12.63 1.52
C SER B 49 -14.46 12.01 0.67
N GLU B 50 -14.66 12.56 -0.52
CA GLU B 50 -15.59 12.03 -1.49
C GLU B 50 -14.89 11.92 -2.84
N ILE B 51 -15.37 10.99 -3.68
CA ILE B 51 -14.76 10.75 -4.99
C ILE B 51 -15.86 10.43 -5.99
N SER B 52 -15.74 11.00 -7.20
CA SER B 52 -16.67 10.72 -8.29
C SER B 52 -16.09 9.59 -9.17
N ARG B 53 -16.90 9.11 -10.13
CA ARG B 53 -16.45 8.01 -10.99
C ARG B 53 -15.25 8.38 -11.84
N VAL B 54 -15.17 9.65 -12.31
CA VAL B 54 -13.99 10.12 -13.02
C VAL B 54 -12.84 10.52 -12.11
N GLY B 55 -12.97 10.40 -10.80
CA GLY B 55 -11.86 10.62 -9.92
C GLY B 55 -11.74 12.00 -9.34
N THR B 56 -12.72 12.87 -9.52
CA THR B 56 -12.72 14.15 -8.81
C THR B 56 -12.81 13.84 -7.34
N THR B 57 -12.03 14.53 -6.53
CA THR B 57 -12.00 14.32 -5.08
C THR B 57 -12.14 15.64 -4.35
N VAL B 58 -12.72 15.57 -3.15
CA VAL B 58 -12.78 16.69 -2.23
C VAL B 58 -12.39 16.08 -0.91
N TYR B 59 -11.69 16.88 -0.09
CA TYR B 59 -11.22 16.44 1.21
C TYR B 59 -11.53 17.46 2.28
N ALA B 60 -11.80 16.98 3.48
CA ALA B 60 -11.85 17.88 4.63
C ALA B 60 -10.50 18.60 4.77
N ASP B 61 -10.54 19.87 5.16
CA ASP B 61 -9.33 20.67 5.30
C ASP B 61 -8.30 20.01 6.21
N SER B 62 -8.76 19.32 7.26
CA SER B 62 -7.85 18.77 8.23
C SER B 62 -7.09 17.56 7.75
N VAL B 63 -7.49 16.94 6.64
CA VAL B 63 -6.82 15.71 6.14
C VAL B 63 -6.11 15.92 4.80
N LYS B 64 -6.22 17.11 4.21
CA LYS B 64 -5.60 17.44 2.91
C LYS B 64 -4.11 17.17 2.94
N GLY B 65 -3.63 16.42 1.96
CA GLY B 65 -2.22 16.09 1.83
C GLY B 65 -1.79 14.84 2.58
N ARG B 66 -2.61 14.37 3.51
CA ARG B 66 -2.30 13.17 4.28
C ARG B 66 -3.15 11.99 3.92
N PHE B 67 -4.42 12.21 3.57
CA PHE B 67 -5.33 11.12 3.24
C PHE B 67 -5.61 11.16 1.74
N THR B 68 -5.82 9.99 1.15
CA THR B 68 -6.07 9.86 -0.28
C THR B 68 -7.21 8.87 -0.47
N ILE B 69 -8.27 9.29 -1.13
CA ILE B 69 -9.38 8.42 -1.49
C ILE B 69 -9.14 7.92 -2.90
N SER B 70 -9.62 6.72 -3.17
CA SER B 70 -9.55 6.17 -4.51
C SER B 70 -10.67 5.15 -4.59
N ARG B 71 -10.95 4.71 -5.80
CA ARG B 71 -11.87 3.61 -6.02
C ARG B 71 -11.27 2.83 -7.17
N ASP B 72 -11.51 1.54 -7.17
CA ASP B 72 -11.24 0.68 -8.31
C ASP B 72 -12.61 0.32 -8.85
N ASN B 73 -13.00 0.91 -9.99
CA ASN B 73 -14.32 0.66 -10.55
C ASN B 73 -14.54 -0.81 -10.92
N SER B 74 -13.47 -1.55 -11.24
CA SER B 74 -13.61 -2.96 -11.59
C SER B 74 -13.97 -3.85 -10.41
N LYS B 75 -13.66 -3.40 -9.18
CA LYS B 75 -13.93 -4.16 -7.97
C LYS B 75 -15.04 -3.56 -7.10
N ASN B 76 -15.68 -2.46 -7.53
CA ASN B 76 -16.67 -1.70 -6.75
C ASN B 76 -16.22 -1.40 -5.30
N THR B 77 -14.93 -1.11 -5.13
CA THR B 77 -14.34 -0.94 -3.80
C THR B 77 -13.76 0.46 -3.70
N LEU B 78 -13.99 1.09 -2.55
CA LEU B 78 -13.51 2.42 -2.23
C LEU B 78 -12.44 2.26 -1.19
N TYR B 79 -11.39 3.07 -1.28
CA TYR B 79 -10.29 2.99 -0.35
C TYR B 79 -10.03 4.36 0.27
N LEU B 80 -9.48 4.35 1.50
CA LEU B 80 -8.98 5.58 2.12
C LEU B 80 -7.59 5.28 2.64
N GLN B 81 -6.57 5.83 2.00
CA GLN B 81 -5.19 5.69 2.45
C GLN B 81 -4.94 6.82 3.43
N MET B 82 -4.52 6.50 4.64
CA MET B 82 -4.39 7.50 5.68
C MET B 82 -2.93 7.47 6.07
N ASN B 83 -2.16 8.51 5.76
CA ASN B 83 -0.76 8.59 6.13
C ASN B 83 -0.59 9.70 7.17
N SER B 84 0.56 9.68 7.85
CA SER B 84 0.93 10.74 8.80
C SER B 84 -0.15 10.93 9.86
N LEU B 85 -0.62 9.80 10.43
CA LEU B 85 -1.77 9.84 11.31
C LEU B 85 -1.47 10.61 12.59
N LYS B 86 -2.46 11.35 13.07
CA LYS B 86 -2.39 12.23 14.22
C LYS B 86 -3.42 11.78 15.24
N PRO B 87 -3.23 12.07 16.55
CA PRO B 87 -4.25 11.68 17.53
C PRO B 87 -5.63 12.19 17.23
N GLU B 88 -5.74 13.36 16.59
CA GLU B 88 -7.03 13.94 16.23
C GLU B 88 -7.72 13.20 15.07
N ASP B 89 -7.06 12.26 14.41
CA ASP B 89 -7.70 11.36 13.46
C ASP B 89 -8.41 10.20 14.12
N THR B 90 -8.30 10.03 15.43
CA THR B 90 -9.03 8.98 16.11
C THR B 90 -10.53 9.20 15.95
N ALA B 91 -11.25 8.19 15.51
CA ALA B 91 -12.66 8.34 15.18
C ALA B 91 -13.21 7.00 14.75
N VAL B 92 -14.51 6.88 14.68
CA VAL B 92 -15.12 5.80 13.91
C VAL B 92 -15.28 6.33 12.50
N TYR B 93 -14.79 5.60 11.49
CA TYR B 93 -14.90 5.97 10.10
C TYR B 93 -16.00 5.18 9.44
N TYR B 94 -16.75 5.80 8.54
CA TYR B 94 -17.89 5.16 7.90
C TYR B 94 -17.79 5.38 6.40
N CYS B 95 -17.98 4.32 5.64
CA CYS B 95 -18.22 4.43 4.22
C CYS B 95 -19.69 4.78 3.97
N ASN B 96 -19.93 5.60 2.94
CA ASN B 96 -21.26 6.00 2.55
C ASN B 96 -21.44 5.86 1.04
N ALA B 97 -22.65 5.45 0.68
CA ALA B 97 -23.10 5.46 -0.70
C ALA B 97 -24.45 6.17 -0.75
N LEU B 98 -24.58 7.13 -1.68
CA LEU B 98 -25.74 8.00 -1.74
C LEU B 98 -26.17 8.14 -3.18
N GLN B 99 -27.42 7.81 -3.49
CA GLN B 99 -27.87 7.87 -4.86
C GLN B 99 -29.37 8.11 -4.93
N TYR B 100 -29.82 8.68 -6.04
CA TYR B 100 -31.25 8.69 -6.28
C TYR B 100 -31.69 7.32 -6.75
N GLU B 101 -32.82 6.91 -6.24
CA GLU B 101 -33.54 5.71 -6.62
C GLU B 101 -34.92 6.12 -7.11
N LYS B 102 -35.73 5.10 -7.43
CA LYS B 102 -37.00 5.31 -8.10
C LYS B 102 -37.90 6.31 -7.40
N HIS B 103 -37.91 6.35 -6.07
CA HIS B 103 -38.82 7.20 -5.33
C HIS B 103 -38.15 8.28 -4.50
N GLY B 104 -36.84 8.48 -4.63
CA GLY B 104 -36.16 9.52 -3.89
C GLY B 104 -34.74 9.10 -3.59
N GLY B 105 -34.07 9.92 -2.80
CA GLY B 105 -32.70 9.64 -2.42
C GLY B 105 -32.63 8.45 -1.49
N ALA B 106 -31.52 7.72 -1.56
CA ALA B 106 -31.24 6.58 -0.71
C ALA B 106 -29.80 6.70 -0.21
N ASP B 107 -29.65 6.54 1.08
CA ASP B 107 -28.43 6.77 1.83
C ASP B 107 -28.03 5.49 2.52
N TYR B 108 -26.84 4.97 2.22
CA TYR B 108 -26.38 3.69 2.75
C TYR B 108 -25.09 3.90 3.52
N TRP B 109 -24.96 3.23 4.66
CA TRP B 109 -23.79 3.36 5.54
C TRP B 109 -23.20 1.98 5.80
N GLY B 110 -21.86 1.91 5.82
CA GLY B 110 -21.16 0.72 6.31
C GLY B 110 -21.26 0.62 7.82
N GLN B 111 -20.66 -0.44 8.39
CA GLN B 111 -20.91 -0.72 9.81
C GLN B 111 -20.22 0.27 10.73
N GLY B 112 -19.16 0.90 10.25
CA GLY B 112 -18.24 1.71 11.01
C GLY B 112 -16.95 0.95 11.32
N THR B 113 -15.82 1.62 11.24
CA THR B 113 -14.52 1.04 11.50
C THR B 113 -13.78 1.97 12.45
N LEU B 114 -13.39 1.46 13.61
CA LEU B 114 -12.73 2.29 14.61
C LEU B 114 -11.28 2.43 14.21
N VAL B 115 -10.79 3.65 14.35
CA VAL B 115 -9.40 4.00 14.20
C VAL B 115 -8.97 4.76 15.45
N THR B 116 -7.94 4.26 16.17
CA THR B 116 -7.42 4.93 17.35
C THR B 116 -5.95 5.20 17.14
N VAL B 117 -5.56 6.47 17.14
CA VAL B 117 -4.18 6.90 16.97
C VAL B 117 -3.71 7.41 18.32
N SER B 118 -2.71 6.74 18.91
CA SER B 118 -2.19 7.09 20.24
C SER B 118 -0.82 6.45 20.39
N SER B 119 0.08 7.12 21.12
CA SER B 119 1.44 6.59 21.25
C SER B 119 1.47 5.45 22.19
N HIS B 120 0.86 5.68 23.44
CA HIS B 120 0.77 4.61 24.40
C HIS B 120 -0.75 4.29 24.50
N HIS B 121 -1.15 3.08 24.10
CA HIS B 121 -2.51 2.56 24.24
C HIS B 121 -2.71 1.86 25.58
N GLU C 1 2.32 -24.63 -19.03
CA GLU C 1 3.34 -23.58 -18.79
C GLU C 1 2.85 -22.70 -17.66
N VAL C 2 3.76 -22.20 -16.84
CA VAL C 2 3.46 -21.18 -15.84
C VAL C 2 4.20 -19.92 -16.28
N GLN C 3 3.46 -18.83 -16.49
CA GLN C 3 4.06 -17.55 -16.80
C GLN C 3 4.22 -16.78 -15.50
N LEU C 4 5.36 -16.11 -15.34
CA LEU C 4 5.69 -15.36 -14.13
C LEU C 4 6.06 -13.94 -14.54
N LEU C 5 5.30 -12.96 -14.07
CA LEU C 5 5.50 -11.55 -14.40
C LEU C 5 5.96 -10.84 -13.15
N GLU C 6 7.17 -10.30 -13.17
CA GLU C 6 7.73 -9.62 -12.02
C GLU C 6 7.54 -8.11 -12.09
N SER C 7 7.48 -7.50 -10.91
CA SER C 7 7.48 -6.07 -10.79
C SER C 7 8.07 -5.72 -9.44
N GLY C 8 8.33 -4.41 -9.23
CA GLY C 8 8.64 -3.89 -7.91
C GLY C 8 10.08 -3.47 -7.68
N GLY C 9 10.95 -3.70 -8.60
CA GLY C 9 12.34 -3.39 -8.43
C GLY C 9 12.59 -1.91 -8.64
N GLY C 10 13.84 -1.52 -8.54
CA GLY C 10 14.27 -0.16 -8.77
C GLY C 10 15.49 0.19 -7.93
N LEU C 11 15.58 1.48 -7.60
CA LEU C 11 16.72 2.07 -6.91
C LEU C 11 16.31 2.38 -5.49
N VAL C 12 17.21 2.13 -4.55
CA VAL C 12 16.96 2.35 -3.13
C VAL C 12 18.28 2.60 -2.44
N GLN C 13 18.22 3.34 -1.31
CA GLN C 13 19.43 3.61 -0.53
C GLN C 13 19.65 2.51 0.50
N PRO C 14 20.90 2.36 0.99
CA PRO C 14 21.15 1.37 2.05
C PRO C 14 20.31 1.67 3.27
N GLY C 15 19.85 0.59 3.91
CA GLY C 15 18.90 0.70 4.98
C GLY C 15 17.47 0.79 4.53
N GLY C 16 17.22 0.95 3.23
CA GLY C 16 15.88 1.06 2.71
C GLY C 16 15.20 -0.29 2.58
N SER C 17 14.00 -0.24 2.03
CA SER C 17 13.18 -1.41 1.81
C SER C 17 12.51 -1.39 0.43
N LEU C 18 12.25 -2.56 -0.13
CA LEU C 18 11.50 -2.69 -1.36
C LEU C 18 10.71 -3.98 -1.25
N ARG C 19 9.57 -4.06 -1.92
CA ARG C 19 8.80 -5.30 -2.03
C ARG C 19 8.68 -5.69 -3.51
N LEU C 20 9.17 -6.86 -3.86
CA LEU C 20 9.05 -7.39 -5.22
C LEU C 20 7.79 -8.24 -5.33
N SER C 21 7.20 -8.26 -6.53
CA SER C 21 6.00 -9.02 -6.85
C SER C 21 6.24 -9.92 -8.03
N CYS C 22 5.55 -11.03 -8.02
CA CYS C 22 5.64 -12.04 -9.06
C CYS C 22 4.27 -12.60 -9.25
N ALA C 23 3.62 -12.29 -10.36
CA ALA C 23 2.26 -12.71 -10.65
C ALA C 23 2.33 -13.94 -11.55
N ALA C 24 1.72 -15.04 -11.11
CA ALA C 24 1.72 -16.30 -11.84
C ALA C 24 0.42 -16.54 -12.58
N SER C 25 0.51 -17.17 -13.74
CA SER C 25 -0.67 -17.55 -14.50
C SER C 25 -0.30 -18.80 -15.30
N GLY C 26 -1.31 -19.41 -15.90
CA GLY C 26 -1.10 -20.64 -16.64
C GLY C 26 -1.56 -21.85 -15.87
N ARG C 27 -0.98 -22.99 -16.18
CA ARG C 27 -1.42 -24.26 -15.61
C ARG C 27 -0.56 -24.52 -14.37
N ILE C 28 -1.05 -24.08 -13.23
CA ILE C 28 -0.31 -24.10 -11.98
C ILE C 28 -0.68 -25.38 -11.27
N SER C 29 0.33 -26.16 -10.87
CA SER C 29 0.09 -27.42 -10.19
C SER C 29 -0.38 -27.20 -8.75
N SER C 30 -1.09 -28.21 -8.23
CA SER C 30 -1.42 -28.25 -6.82
C SER C 30 -0.20 -28.37 -5.92
N ILE C 31 0.92 -28.87 -6.42
CA ILE C 31 2.16 -29.00 -5.66
C ILE C 31 3.15 -28.13 -6.43
N ILE C 32 3.42 -26.96 -5.90
CA ILE C 32 4.22 -25.96 -6.60
C ILE C 32 5.10 -25.26 -5.59
N HIS C 33 6.39 -25.15 -5.89
CA HIS C 33 7.36 -24.51 -5.00
C HIS C 33 7.81 -23.23 -5.66
N MET C 34 7.64 -22.11 -4.97
CA MET C 34 7.91 -20.79 -5.53
C MET C 34 9.13 -20.25 -4.85
N ALA C 35 10.00 -19.62 -5.63
CA ALA C 35 11.24 -19.11 -5.08
C ALA C 35 11.61 -17.77 -5.68
N TRP C 36 12.44 -17.06 -4.94
CA TRP C 36 13.21 -15.92 -5.43
C TRP C 36 14.69 -16.30 -5.47
N PHE C 37 15.32 -16.06 -6.61
CA PHE C 37 16.75 -16.16 -6.79
C PHE C 37 17.28 -14.74 -7.11
N ARG C 38 18.59 -14.56 -7.05
CA ARG C 38 19.19 -13.29 -7.48
C ARG C 38 20.55 -13.56 -8.07
N GLN C 39 21.00 -12.66 -8.90
CA GLN C 39 22.35 -12.71 -9.43
C GLN C 39 22.96 -11.33 -9.34
N ALA C 40 24.03 -11.22 -8.55
CA ALA C 40 24.76 -9.99 -8.39
C ALA C 40 25.76 -9.89 -9.54
N PRO C 41 26.30 -8.71 -9.80
CA PRO C 41 27.21 -8.58 -10.96
C PRO C 41 28.46 -9.45 -10.85
N GLY C 42 28.64 -10.28 -11.86
CA GLY C 42 29.80 -11.13 -11.91
C GLY C 42 29.72 -12.36 -11.05
N LYS C 43 28.61 -12.60 -10.34
CA LYS C 43 28.49 -13.67 -9.37
C LYS C 43 27.55 -14.74 -9.88
N GLU C 44 27.64 -15.92 -9.28
CA GLU C 44 26.69 -16.99 -9.59
C GLU C 44 25.32 -16.64 -9.01
N ARG C 45 24.28 -17.06 -9.72
CA ARG C 45 22.92 -16.94 -9.22
C ARG C 45 22.77 -17.72 -7.94
N GLU C 46 21.99 -17.18 -6.99
CA GLU C 46 21.82 -17.80 -5.69
C GLU C 46 20.37 -17.75 -5.28
N LEU C 47 19.94 -18.77 -4.59
CA LEU C 47 18.63 -18.80 -3.97
C LEU C 47 18.54 -17.77 -2.86
N VAL C 48 17.44 -17.06 -2.81
CA VAL C 48 17.15 -16.06 -1.79
C VAL C 48 16.11 -16.57 -0.80
N SER C 49 14.95 -17.03 -1.29
CA SER C 49 13.91 -17.53 -0.40
C SER C 49 12.98 -18.43 -1.21
N GLU C 50 12.24 -19.27 -0.52
CA GLU C 50 11.31 -20.19 -1.16
C GLU C 50 10.12 -20.43 -0.25
N ILE C 51 8.98 -20.80 -0.83
CA ILE C 51 7.78 -21.13 -0.07
C ILE C 51 7.05 -22.25 -0.80
N SER C 52 6.53 -23.20 -0.04
CA SER C 52 5.67 -24.23 -0.59
C SER C 52 4.20 -23.82 -0.45
N ARG C 53 3.27 -24.61 -1.04
CA ARG C 53 1.89 -24.18 -1.00
C ARG C 53 1.39 -24.13 0.42
N VAL C 54 1.83 -25.03 1.28
CA VAL C 54 1.38 -24.97 2.66
C VAL C 54 2.08 -23.92 3.50
N GLY C 55 3.03 -23.19 2.97
CA GLY C 55 3.63 -22.04 3.60
C GLY C 55 4.98 -22.28 4.26
N THR C 56 5.55 -23.48 4.15
CA THR C 56 6.89 -23.70 4.65
C THR C 56 7.85 -22.79 3.90
N THR C 57 8.80 -22.19 4.59
CA THR C 57 9.69 -21.19 4.00
C THR C 57 11.17 -21.51 4.26
N VAL C 58 12.03 -20.96 3.40
CA VAL C 58 13.48 -21.24 3.44
C VAL C 58 14.08 -19.91 3.11
N TYR C 59 15.23 -19.59 3.70
CA TYR C 59 15.92 -18.34 3.36
C TYR C 59 17.41 -18.60 3.23
N ALA C 60 18.05 -17.89 2.32
CA ALA C 60 19.50 -17.90 2.30
C ALA C 60 20.02 -17.29 3.60
N ASP C 61 21.15 -17.81 4.06
CA ASP C 61 21.69 -17.33 5.35
C ASP C 61 21.96 -15.83 5.34
N SER C 62 22.37 -15.30 4.20
CA SER C 62 22.73 -13.89 4.12
C SER C 62 21.53 -12.94 4.19
N VAL C 63 20.30 -13.45 4.08
CA VAL C 63 19.10 -12.61 4.13
C VAL C 63 18.20 -12.93 5.31
N LYS C 64 18.52 -13.96 6.10
CA LYS C 64 17.71 -14.32 7.25
C LYS C 64 17.54 -13.14 8.19
N GLY C 65 16.28 -12.88 8.56
CA GLY C 65 15.92 -11.81 9.44
C GLY C 65 15.60 -10.50 8.76
N ARG C 66 16.02 -10.32 7.51
CA ARG C 66 15.83 -9.09 6.77
C ARG C 66 14.78 -9.21 5.70
N PHE C 67 14.67 -10.39 5.07
CA PHE C 67 13.76 -10.58 3.96
C PHE C 67 12.63 -11.52 4.39
N THR C 68 11.44 -11.33 3.81
CA THR C 68 10.28 -12.13 4.14
C THR C 68 9.55 -12.43 2.84
N ILE C 69 9.29 -13.72 2.58
CA ILE C 69 8.55 -14.12 1.39
C ILE C 69 7.09 -14.17 1.78
N SER C 70 6.19 -13.77 0.88
CA SER C 70 4.77 -13.77 1.19
C SER C 70 3.96 -13.94 -0.10
N ARG C 71 2.64 -13.87 0.03
CA ARG C 71 1.71 -14.20 -1.06
C ARG C 71 0.44 -13.39 -0.93
N ASP C 72 -0.23 -13.17 -2.06
CA ASP C 72 -1.65 -12.84 -2.12
C ASP C 72 -2.23 -13.80 -3.14
N ASN C 73 -2.87 -14.87 -2.68
CA ASN C 73 -3.39 -15.89 -3.55
C ASN C 73 -4.56 -15.42 -4.38
N SER C 74 -5.26 -14.38 -3.94
CA SER C 74 -6.36 -13.85 -4.72
C SER C 74 -5.88 -13.26 -6.03
N LYS C 75 -4.61 -12.95 -6.14
CA LYS C 75 -3.96 -12.45 -7.32
C LYS C 75 -2.94 -13.43 -7.90
N ASN C 76 -2.87 -14.65 -7.37
CA ASN C 76 -1.83 -15.62 -7.74
C ASN C 76 -0.43 -15.04 -7.69
N THR C 77 -0.18 -14.22 -6.66
CA THR C 77 1.03 -13.42 -6.58
C THR C 77 1.89 -13.81 -5.39
N LEU C 78 3.19 -13.85 -5.67
CA LEU C 78 4.24 -14.10 -4.71
C LEU C 78 4.93 -12.75 -4.44
N TYR C 79 5.31 -12.48 -3.22
CA TYR C 79 6.02 -11.26 -2.85
C TYR C 79 7.35 -11.59 -2.20
N LEU C 80 8.28 -10.65 -2.25
CA LEU C 80 9.50 -10.68 -1.45
C LEU C 80 9.60 -9.30 -0.81
N GLN C 81 9.39 -9.20 0.49
CA GLN C 81 9.66 -7.99 1.22
C GLN C 81 11.12 -7.99 1.59
N MET C 82 11.82 -6.93 1.25
CA MET C 82 13.22 -6.78 1.54
C MET C 82 13.37 -5.59 2.46
N ASN C 83 13.91 -5.79 3.64
CA ASN C 83 14.18 -4.74 4.59
C ASN C 83 15.69 -4.68 4.84
N SER C 84 16.10 -3.58 5.42
CA SER C 84 17.47 -3.40 5.85
C SER C 84 18.46 -3.66 4.71
N LEU C 85 18.16 -3.10 3.54
CA LEU C 85 18.89 -3.46 2.32
C LEU C 85 20.33 -2.98 2.42
N LYS C 86 21.26 -3.75 1.87
CA LYS C 86 22.69 -3.49 1.90
C LYS C 86 23.18 -3.41 0.47
N PRO C 87 24.32 -2.72 0.21
CA PRO C 87 24.84 -2.67 -1.18
C PRO C 87 25.04 -4.02 -1.80
N GLU C 88 25.42 -5.03 -1.02
CA GLU C 88 25.61 -6.37 -1.56
C GLU C 88 24.31 -7.08 -1.90
N ASP C 89 23.15 -6.50 -1.59
CA ASP C 89 21.87 -7.00 -2.09
C ASP C 89 21.56 -6.55 -3.52
N THR C 90 22.40 -5.71 -4.11
CA THR C 90 22.20 -5.31 -5.49
C THR C 90 22.30 -6.54 -6.40
N ALA C 91 21.34 -6.72 -7.29
CA ALA C 91 21.29 -7.89 -8.13
C ALA C 91 20.07 -7.81 -9.02
N VAL C 92 20.04 -8.66 -10.04
CA VAL C 92 18.81 -8.97 -10.74
C VAL C 92 18.15 -10.07 -9.93
N TYR C 93 16.91 -9.86 -9.54
CA TYR C 93 16.11 -10.81 -8.81
C TYR C 93 15.13 -11.50 -9.74
N TYR C 94 15.01 -12.82 -9.62
CA TYR C 94 14.14 -13.63 -10.46
C TYR C 94 13.15 -14.38 -9.57
N CYS C 95 11.91 -14.45 -10.02
CA CYS C 95 10.87 -15.35 -9.53
C CYS C 95 11.00 -16.69 -10.24
N ASN C 96 10.83 -17.79 -9.54
CA ASN C 96 10.91 -19.13 -10.11
C ASN C 96 9.76 -19.99 -9.56
N ALA C 97 9.27 -20.89 -10.38
CA ALA C 97 8.27 -21.86 -9.98
C ALA C 97 8.70 -23.25 -10.41
N LEU C 98 8.63 -24.18 -9.48
CA LEU C 98 9.11 -25.54 -9.71
C LEU C 98 7.95 -26.50 -9.50
N GLN C 99 7.59 -27.24 -10.56
CA GLN C 99 6.53 -28.20 -10.49
C GLN C 99 6.80 -29.30 -11.50
N TYR C 100 6.15 -30.44 -11.34
CA TYR C 100 6.26 -31.46 -12.38
C TYR C 100 5.31 -31.20 -13.53
N GLU C 101 5.78 -31.57 -14.73
CA GLU C 101 4.93 -31.71 -15.90
C GLU C 101 4.95 -33.17 -16.29
N LYS C 102 4.18 -33.52 -17.35
CA LYS C 102 3.98 -34.92 -17.71
C LYS C 102 5.27 -35.67 -17.89
N HIS C 103 6.29 -35.03 -18.48
CA HIS C 103 7.54 -35.67 -18.85
C HIS C 103 8.73 -35.22 -18.04
N GLY C 104 8.54 -34.51 -16.95
CA GLY C 104 9.68 -34.17 -16.10
C GLY C 104 9.41 -32.90 -15.31
N GLY C 105 10.34 -32.58 -14.43
CA GLY C 105 10.24 -31.33 -13.68
C GLY C 105 10.41 -30.14 -14.58
N ALA C 106 9.77 -29.03 -14.21
CA ALA C 106 9.89 -27.78 -14.92
C ALA C 106 10.20 -26.66 -13.95
N ASP C 107 11.13 -25.79 -14.32
CA ASP C 107 11.55 -24.63 -13.53
C ASP C 107 11.25 -23.41 -14.37
N TYR C 108 10.16 -22.73 -14.07
CA TYR C 108 9.72 -21.57 -14.84
C TYR C 108 10.35 -20.32 -14.24
N TRP C 109 10.71 -19.36 -15.08
CA TRP C 109 11.36 -18.14 -14.63
C TRP C 109 10.58 -16.88 -14.99
N GLY C 110 10.57 -15.92 -14.07
CA GLY C 110 10.18 -14.56 -14.36
C GLY C 110 11.29 -13.88 -15.15
N GLN C 111 11.04 -12.62 -15.57
CA GLN C 111 11.94 -11.99 -16.52
C GLN C 111 13.27 -11.56 -15.90
N GLY C 112 13.24 -11.25 -14.59
CA GLY C 112 14.35 -10.62 -13.90
C GLY C 112 14.01 -9.16 -13.62
N THR C 113 14.26 -8.73 -12.40
CA THR C 113 13.97 -7.38 -11.93
C THR C 113 15.23 -6.84 -11.28
N LEU C 114 15.69 -5.68 -11.72
CA LEU C 114 16.88 -5.11 -11.14
C LEU C 114 16.56 -4.39 -9.85
N VAL C 115 17.41 -4.61 -8.84
CA VAL C 115 17.41 -3.91 -7.57
C VAL C 115 18.82 -3.38 -7.37
N THR C 116 18.96 -2.07 -7.26
CA THR C 116 20.26 -1.47 -7.02
C THR C 116 20.19 -0.71 -5.70
N VAL C 117 21.04 -1.07 -4.78
CA VAL C 117 21.12 -0.48 -3.46
C VAL C 117 22.41 0.31 -3.43
N SER C 118 22.32 1.63 -3.31
CA SER C 118 23.53 2.45 -3.33
C SER C 118 23.26 3.80 -2.69
N SER C 119 24.26 4.30 -1.96
CA SER C 119 24.27 5.68 -1.51
C SER C 119 24.67 6.63 -2.63
N HIS C 120 25.35 6.11 -3.66
CA HIS C 120 25.84 6.88 -4.80
C HIS C 120 25.17 6.44 -6.09
N HIS C 121 23.91 6.84 -6.29
CA HIS C 121 23.27 6.66 -7.60
C HIS C 121 23.65 7.81 -8.53
N GLU D 1 20.68 20.13 -5.61
CA GLU D 1 20.20 19.03 -6.48
C GLU D 1 19.13 18.30 -5.70
N VAL D 2 18.16 17.77 -6.42
CA VAL D 2 17.19 16.82 -5.87
C VAL D 2 17.43 15.51 -6.59
N GLN D 3 17.67 14.46 -5.83
CA GLN D 3 17.79 13.11 -6.33
C GLN D 3 16.43 12.46 -6.21
N LEU D 4 16.06 11.70 -7.24
CA LEU D 4 14.78 11.03 -7.32
C LEU D 4 15.06 9.56 -7.63
N LEU D 5 14.70 8.68 -6.70
CA LEU D 5 14.92 7.25 -6.87
C LEU D 5 13.59 6.56 -7.06
N GLU D 6 13.42 5.93 -8.22
CA GLU D 6 12.17 5.32 -8.60
C GLU D 6 12.21 3.82 -8.37
N SER D 7 11.05 3.26 -8.09
CA SER D 7 10.88 1.81 -7.99
C SER D 7 9.43 1.51 -8.29
N GLY D 8 9.16 0.23 -8.51
CA GLY D 8 7.81 -0.28 -8.58
C GLY D 8 7.31 -0.76 -9.93
N GLY D 9 8.04 -0.51 -11.02
CA GLY D 9 7.57 -0.90 -12.34
C GLY D 9 7.78 -2.37 -12.61
N GLY D 10 7.43 -2.78 -13.83
CA GLY D 10 7.60 -4.14 -14.26
C GLY D 10 6.53 -4.54 -15.28
N LEU D 11 6.21 -5.83 -15.29
CA LEU D 11 5.32 -6.43 -16.26
C LEU D 11 4.01 -6.78 -15.56
N VAL D 12 2.90 -6.59 -16.26
CA VAL D 12 1.58 -6.83 -15.70
C VAL D 12 0.64 -7.20 -16.84
N GLN D 13 -0.43 -7.95 -16.53
CA GLN D 13 -1.48 -8.20 -17.51
C GLN D 13 -2.50 -7.06 -17.51
N PRO D 14 -3.25 -6.90 -18.61
CA PRO D 14 -4.32 -5.90 -18.64
C PRO D 14 -5.33 -6.18 -17.54
N GLY D 15 -5.86 -5.10 -16.96
CA GLY D 15 -6.69 -5.18 -15.79
C GLY D 15 -5.95 -5.23 -14.48
N GLY D 16 -4.62 -5.43 -14.51
CA GLY D 16 -3.82 -5.51 -13.31
C GLY D 16 -3.53 -4.14 -12.70
N SER D 17 -2.70 -4.14 -11.66
CA SER D 17 -2.33 -2.93 -10.92
C SER D 17 -0.85 -2.93 -10.58
N LEU D 18 -0.30 -1.73 -10.41
CA LEU D 18 1.06 -1.54 -9.94
C LEU D 18 1.08 -0.28 -9.10
N ARG D 19 2.06 -0.15 -8.23
CA ARG D 19 2.28 1.07 -7.49
C ARG D 19 3.72 1.51 -7.67
N LEU D 20 3.91 2.67 -8.25
CA LEU D 20 5.23 3.26 -8.41
C LEU D 20 5.56 4.13 -7.23
N SER D 21 6.82 4.20 -6.88
CA SER D 21 7.32 5.02 -5.78
C SER D 21 8.47 5.87 -6.28
N CYS D 22 8.55 7.10 -5.75
CA CYS D 22 9.65 8.02 -6.05
C CYS D 22 10.11 8.63 -4.74
N ALA D 23 11.31 8.31 -4.31
CA ALA D 23 11.86 8.83 -3.07
C ALA D 23 12.72 10.03 -3.44
N ALA D 24 12.41 11.20 -2.87
CA ALA D 24 13.15 12.43 -3.15
C ALA D 24 14.09 12.72 -1.99
N SER D 25 15.27 13.24 -2.32
CA SER D 25 16.22 13.65 -1.29
C SER D 25 17.05 14.77 -1.87
N GLY D 26 17.82 15.41 -1.03
CA GLY D 26 18.61 16.55 -1.46
C GLY D 26 18.03 17.85 -0.97
N ARG D 27 18.31 18.89 -1.75
CA ARG D 27 17.95 20.25 -1.38
C ARG D 27 16.59 20.56 -1.99
N ILE D 28 15.54 20.22 -1.27
CA ILE D 28 14.14 20.27 -1.72
C ILE D 28 13.58 21.60 -1.23
N SER D 29 12.99 22.37 -2.15
CA SER D 29 12.42 23.64 -1.75
C SER D 29 11.12 23.41 -1.00
N SER D 30 10.76 24.37 -0.13
CA SER D 30 9.40 24.38 0.45
C SER D 30 8.35 24.61 -0.61
N ILE D 31 8.71 25.11 -1.81
CA ILE D 31 7.77 25.32 -2.90
C ILE D 31 8.31 24.48 -4.06
N ILE D 32 7.67 23.36 -4.36
CA ILE D 32 8.20 22.39 -5.30
C ILE D 32 7.03 21.74 -6.03
N HIS D 33 7.17 21.59 -7.33
CA HIS D 33 6.26 20.76 -8.12
C HIS D 33 6.77 19.32 -8.15
N MET D 34 5.85 18.35 -7.93
CA MET D 34 6.17 16.92 -8.06
C MET D 34 5.16 16.27 -8.96
N ALA D 35 5.63 15.39 -9.84
CA ALA D 35 4.75 14.80 -10.82
C ALA D 35 5.31 13.48 -11.30
N TRP D 36 4.43 12.68 -11.89
CA TRP D 36 4.79 11.54 -12.71
C TRP D 36 4.52 11.89 -14.16
N PHE D 37 5.49 11.59 -15.01
CA PHE D 37 5.36 11.67 -16.45
C PHE D 37 5.49 10.25 -17.04
N ARG D 38 5.11 10.07 -18.30
CA ARG D 38 5.41 8.84 -18.99
C ARG D 38 5.70 9.14 -20.44
N GLN D 39 6.40 8.22 -21.08
CA GLN D 39 6.63 8.28 -22.51
C GLN D 39 6.34 6.89 -23.05
N ALA D 40 5.32 6.79 -23.86
CA ALA D 40 4.99 5.56 -24.54
C ALA D 40 5.72 5.54 -25.88
N PRO D 41 6.07 4.35 -26.40
CA PRO D 41 6.83 4.30 -27.66
C PRO D 41 6.04 4.90 -28.81
N GLY D 42 6.67 5.81 -29.51
CA GLY D 42 6.08 6.54 -30.59
C GLY D 42 5.37 7.83 -30.24
N LYS D 43 5.39 8.23 -29.00
CA LYS D 43 4.72 9.42 -28.53
C LYS D 43 5.72 10.30 -27.80
N GLU D 44 5.38 11.58 -27.68
CA GLU D 44 6.13 12.48 -26.84
C GLU D 44 5.78 12.18 -25.40
N ARG D 45 6.69 12.51 -24.49
CA ARG D 45 6.38 12.43 -23.06
C ARG D 45 5.13 13.22 -22.73
N GLU D 46 4.41 12.76 -21.70
CA GLU D 46 3.23 13.45 -21.24
C GLU D 46 3.19 13.44 -19.71
N LEU D 47 2.65 14.49 -19.14
CA LEU D 47 2.30 14.51 -17.74
C LEU D 47 1.22 13.46 -17.47
N VAL D 48 1.40 12.69 -16.42
CA VAL D 48 0.41 11.71 -15.96
C VAL D 48 -0.39 12.26 -14.81
N SER D 49 0.33 12.72 -13.80
CA SER D 49 -0.32 13.29 -12.65
C SER D 49 0.65 14.19 -11.90
N GLU D 50 0.11 15.23 -11.27
CA GLU D 50 0.89 16.12 -10.42
C GLU D 50 0.15 16.32 -9.10
N ILE D 51 0.91 16.60 -8.03
CA ILE D 51 0.32 16.78 -6.69
C ILE D 51 1.06 17.91 -5.98
N SER D 52 0.32 18.76 -5.29
CA SER D 52 0.89 19.82 -4.46
C SER D 52 1.00 19.35 -3.01
N ARG D 53 1.63 20.18 -2.17
CA ARG D 53 1.83 19.81 -0.77
C ARG D 53 0.51 19.65 -0.01
N VAL D 54 -0.50 20.48 -0.33
CA VAL D 54 -1.83 20.35 0.26
C VAL D 54 -2.68 19.27 -0.40
N GLY D 55 -2.15 18.57 -1.38
CA GLY D 55 -2.86 17.46 -1.93
C GLY D 55 -3.71 17.73 -3.14
N THR D 56 -3.65 18.95 -3.70
CA THR D 56 -4.32 19.23 -4.97
C THR D 56 -3.68 18.36 -6.01
N THR D 57 -4.48 17.73 -6.86
CA THR D 57 -3.99 16.84 -7.89
C THR D 57 -4.61 17.20 -9.24
N VAL D 58 -3.85 16.92 -10.29
CA VAL D 58 -4.32 17.00 -11.67
C VAL D 58 -3.88 15.71 -12.33
N TYR D 59 -4.72 15.18 -13.23
CA TYR D 59 -4.46 13.96 -13.95
C TYR D 59 -4.67 14.16 -15.43
N ALA D 60 -3.87 13.46 -16.21
CA ALA D 60 -4.16 13.36 -17.64
C ALA D 60 -5.53 12.74 -17.85
N ASP D 61 -6.25 13.19 -18.88
CA ASP D 61 -7.59 12.67 -19.14
C ASP D 61 -7.62 11.14 -19.28
N SER D 62 -6.57 10.54 -19.86
CA SER D 62 -6.59 9.11 -20.11
C SER D 62 -6.42 8.26 -18.88
N VAL D 63 -6.05 8.82 -17.73
CA VAL D 63 -5.83 8.04 -16.52
C VAL D 63 -6.81 8.36 -15.41
N LYS D 64 -7.71 9.33 -15.60
CA LYS D 64 -8.66 9.76 -14.59
C LYS D 64 -9.52 8.60 -14.11
N GLY D 65 -9.59 8.45 -12.79
CA GLY D 65 -10.37 7.42 -12.18
C GLY D 65 -9.66 6.11 -12.01
N ARG D 66 -8.54 5.90 -12.73
CA ARG D 66 -7.77 4.66 -12.64
C ARG D 66 -6.47 4.83 -11.89
N PHE D 67 -5.81 5.98 -12.01
CA PHE D 67 -4.54 6.21 -11.36
C PHE D 67 -4.77 7.20 -10.23
N THR D 68 -4.00 7.06 -9.17
CA THR D 68 -4.09 7.96 -8.02
C THR D 68 -2.68 8.34 -7.56
N ILE D 69 -2.37 9.61 -7.51
CA ILE D 69 -1.10 10.08 -7.00
C ILE D 69 -1.25 10.41 -5.53
N SER D 70 -0.19 10.24 -4.78
CA SER D 70 -0.20 10.61 -3.38
C SER D 70 1.22 10.87 -2.96
N ARG D 71 1.36 11.36 -1.73
CA ARG D 71 2.67 11.63 -1.20
C ARG D 71 2.61 11.36 0.28
N ASP D 72 3.74 10.95 0.81
CA ASP D 72 3.94 10.91 2.24
C ASP D 72 5.05 11.89 2.56
N ASN D 73 4.65 13.06 3.05
CA ASN D 73 5.60 14.13 3.33
C ASN D 73 6.56 13.76 4.45
N SER D 74 6.16 12.86 5.35
CA SER D 74 7.10 12.35 6.34
C SER D 74 8.18 11.48 5.71
N LYS D 75 7.95 10.97 4.50
CA LYS D 75 8.89 10.12 3.80
C LYS D 75 9.55 10.79 2.60
N ASN D 76 9.21 12.05 2.30
CA ASN D 76 9.56 12.75 1.04
C ASN D 76 9.36 11.85 -0.20
N THR D 77 8.29 11.06 -0.18
CA THR D 77 8.05 10.01 -1.17
C THR D 77 6.74 10.30 -1.88
N LEU D 78 6.76 10.10 -3.19
CA LEU D 78 5.63 10.28 -4.09
C LEU D 78 5.25 8.90 -4.60
N TYR D 79 3.96 8.66 -4.73
CA TYR D 79 3.47 7.36 -5.18
C TYR D 79 2.50 7.56 -6.34
N LEU D 80 2.40 6.53 -7.22
CA LEU D 80 1.39 6.48 -8.26
C LEU D 80 0.77 5.10 -8.19
N GLN D 81 -0.46 5.01 -7.75
CA GLN D 81 -1.21 3.77 -7.77
C GLN D 81 -1.87 3.69 -9.11
N MET D 82 -1.67 2.61 -9.83
CA MET D 82 -2.13 2.49 -11.20
C MET D 82 -3.02 1.26 -11.21
N ASN D 83 -4.32 1.45 -11.35
CA ASN D 83 -5.25 0.35 -11.36
C ASN D 83 -5.85 0.25 -12.74
N SER D 84 -6.47 -0.92 -13.01
CA SER D 84 -7.21 -1.17 -14.24
C SER D 84 -6.32 -0.89 -15.46
N LEU D 85 -5.09 -1.42 -15.40
CA LEU D 85 -4.11 -1.08 -16.41
C LEU D 85 -4.52 -1.59 -17.80
N LYS D 86 -4.20 -0.79 -18.81
CA LYS D 86 -4.53 -1.05 -20.21
C LYS D 86 -3.22 -1.14 -20.99
N PRO D 87 -3.20 -1.83 -22.14
CA PRO D 87 -1.96 -1.88 -22.94
C PRO D 87 -1.40 -0.53 -23.31
N GLU D 88 -2.27 0.46 -23.54
CA GLU D 88 -1.80 1.82 -23.88
C GLU D 88 -1.18 2.57 -22.71
N ASP D 89 -1.23 2.03 -21.49
CA ASP D 89 -0.45 2.57 -20.38
C ASP D 89 1.00 2.12 -20.41
N THR D 90 1.38 1.23 -21.32
CA THR D 90 2.77 0.80 -21.47
C THR D 90 3.65 2.02 -21.78
N ALA D 91 4.74 2.20 -21.03
CA ALA D 91 5.55 3.41 -21.16
C ALA D 91 6.70 3.31 -20.19
N VAL D 92 7.70 4.13 -20.38
CA VAL D 92 8.63 4.44 -19.33
C VAL D 92 8.02 5.56 -18.51
N TYR D 93 7.91 5.35 -17.21
CA TYR D 93 7.38 6.30 -16.27
C TYR D 93 8.52 6.99 -15.57
N TYR D 94 8.38 8.31 -15.37
CA TYR D 94 9.41 9.13 -14.76
C TYR D 94 8.84 10.00 -13.64
N CYS D 95 9.51 10.06 -12.51
CA CYS D 95 9.26 11.04 -11.47
C CYS D 95 9.98 12.34 -11.84
N ASN D 96 9.33 13.48 -11.57
CA ASN D 96 9.91 14.78 -11.81
C ASN D 96 9.75 15.63 -10.57
N ALA D 97 10.77 16.46 -10.33
CA ALA D 97 10.75 17.52 -9.32
C ALA D 97 11.19 18.81 -9.97
N LEU D 98 10.38 19.85 -9.86
CA LEU D 98 10.58 21.12 -10.56
C LEU D 98 10.41 22.26 -9.57
N GLN D 99 11.45 23.05 -9.40
CA GLN D 99 11.42 24.14 -8.43
C GLN D 99 12.29 25.28 -8.90
N TYR D 100 11.98 26.49 -8.43
CA TYR D 100 12.89 27.60 -8.66
C TYR D 100 14.00 27.53 -7.63
N GLU D 101 15.20 27.75 -8.10
CA GLU D 101 16.40 27.87 -7.29
C GLU D 101 17.01 29.25 -7.54
N LYS D 102 18.18 29.51 -6.92
CA LYS D 102 18.77 30.82 -6.90
C LYS D 102 18.95 31.38 -8.27
N HIS D 103 19.32 30.58 -9.27
CA HIS D 103 19.64 31.15 -10.58
C HIS D 103 18.62 30.80 -11.66
N GLY D 104 17.49 30.18 -11.29
CA GLY D 104 16.44 29.90 -12.24
C GLY D 104 15.77 28.59 -11.92
N GLY D 105 14.91 28.14 -12.82
CA GLY D 105 14.22 26.89 -12.62
C GLY D 105 15.19 25.73 -12.66
N ALA D 106 14.88 24.71 -11.87
CA ALA D 106 15.67 23.51 -11.76
C ALA D 106 14.73 22.32 -11.92
N ASP D 107 15.12 21.42 -12.84
CA ASP D 107 14.26 20.37 -13.38
C ASP D 107 14.95 19.05 -13.19
N TYR D 108 14.44 18.22 -12.28
CA TYR D 108 15.05 16.96 -11.87
C TYR D 108 14.19 15.79 -12.30
N TRP D 109 14.84 14.73 -12.77
CA TRP D 109 14.16 13.56 -13.28
C TRP D 109 14.70 12.31 -12.59
N GLY D 110 13.84 11.34 -12.29
CA GLY D 110 14.30 10.01 -11.93
C GLY D 110 14.84 9.30 -13.17
N GLN D 111 15.34 8.06 -12.94
CA GLN D 111 16.03 7.28 -13.97
C GLN D 111 15.07 6.76 -15.05
N GLY D 112 13.81 6.60 -14.67
CA GLY D 112 12.79 5.99 -15.51
C GLY D 112 12.49 4.57 -15.04
N THR D 113 11.22 4.19 -15.07
CA THR D 113 10.78 2.88 -14.63
C THR D 113 9.86 2.36 -15.69
N LEU D 114 10.22 1.21 -16.25
CA LEU D 114 9.44 0.68 -17.35
C LEU D 114 8.21 -0.05 -16.82
N VAL D 115 7.07 0.20 -17.44
CA VAL D 115 5.84 -0.54 -17.20
C VAL D 115 5.37 -1.08 -18.54
N THR D 116 5.15 -2.39 -18.63
CA THR D 116 4.67 -3.07 -19.84
C THR D 116 3.41 -3.82 -19.47
N VAL D 117 2.29 -3.44 -20.08
CA VAL D 117 0.98 -4.03 -19.84
C VAL D 117 0.68 -4.83 -21.10
N SER D 118 0.62 -6.14 -20.99
CA SER D 118 0.41 -6.97 -22.16
C SER D 118 -0.06 -8.35 -21.75
N SER D 119 -0.89 -8.91 -22.63
CA SER D 119 -1.19 -10.33 -22.58
C SER D 119 -0.09 -11.19 -23.19
N HIS D 120 0.76 -10.62 -24.05
CA HIS D 120 1.75 -11.37 -24.80
C HIS D 120 3.16 -11.02 -24.35
N HIS D 121 3.52 -11.46 -23.14
CA HIS D 121 4.91 -11.35 -22.69
C HIS D 121 5.73 -12.56 -23.17
N GLU E 1 1.19 4.51 -40.72
CA GLU E 1 2.16 4.74 -39.62
C GLU E 1 3.58 4.52 -40.14
N VAL E 2 4.51 5.27 -39.59
CA VAL E 2 5.94 5.06 -39.77
C VAL E 2 6.52 4.70 -38.40
N GLN E 3 7.22 3.58 -38.32
CA GLN E 3 7.90 3.13 -37.13
C GLN E 3 9.33 3.60 -37.25
N LEU E 4 9.87 4.12 -36.15
CA LEU E 4 11.24 4.63 -36.11
C LEU E 4 11.93 3.97 -34.93
N LEU E 5 13.05 3.30 -35.19
CA LEU E 5 13.78 2.55 -34.19
C LEU E 5 15.16 3.12 -34.06
N GLU E 6 15.48 3.67 -32.90
CA GLU E 6 16.75 4.32 -32.68
C GLU E 6 17.75 3.40 -31.95
N SER E 7 19.01 3.64 -32.23
CA SER E 7 20.11 2.98 -31.54
C SER E 7 21.31 3.92 -31.59
N GLY E 8 22.35 3.58 -30.80
CA GLY E 8 23.63 4.23 -30.92
C GLY E 8 24.04 5.10 -29.75
N GLY E 9 23.15 5.40 -28.86
CA GLY E 9 23.47 6.26 -27.74
C GLY E 9 24.29 5.55 -26.69
N GLY E 10 24.62 6.27 -25.65
CA GLY E 10 25.34 5.73 -24.51
C GLY E 10 26.12 6.82 -23.79
N LEU E 11 27.19 6.43 -23.13
CA LEU E 11 27.99 7.31 -22.30
C LEU E 11 29.31 7.61 -23.02
N VAL E 12 29.76 8.86 -22.94
CA VAL E 12 30.94 9.33 -23.66
C VAL E 12 31.53 10.49 -22.89
N GLN E 13 32.83 10.70 -23.03
CA GLN E 13 33.46 11.86 -22.38
C GLN E 13 33.44 13.08 -23.28
N PRO E 14 33.61 14.29 -22.71
CA PRO E 14 33.67 15.49 -23.53
C PRO E 14 34.79 15.39 -24.53
N GLY E 15 34.51 15.93 -25.72
CA GLY E 15 35.40 15.76 -26.86
C GLY E 15 35.23 14.48 -27.64
N GLY E 16 34.43 13.53 -27.13
CA GLY E 16 34.21 12.27 -27.81
C GLY E 16 33.22 12.38 -28.95
N SER E 17 32.93 11.21 -29.52
CA SER E 17 32.04 11.08 -30.66
C SER E 17 31.11 9.90 -30.50
N LEU E 18 29.93 9.97 -31.08
CA LEU E 18 29.01 8.87 -31.14
C LEU E 18 28.29 8.97 -32.47
N ARG E 19 27.77 7.86 -32.99
CA ARG E 19 26.90 7.89 -34.15
C ARG E 19 25.55 7.26 -33.81
N LEU E 20 24.47 8.01 -33.97
CA LEU E 20 23.14 7.48 -33.72
C LEU E 20 22.54 6.99 -35.01
N SER E 21 21.66 6.01 -34.91
CA SER E 21 21.00 5.44 -36.05
C SER E 21 19.51 5.41 -35.80
N CYS E 22 18.74 5.54 -36.88
CA CYS E 22 17.29 5.51 -36.82
C CYS E 22 16.83 4.69 -38.00
N ALA E 23 16.23 3.51 -37.79
CA ALA E 23 15.75 2.66 -38.85
C ALA E 23 14.25 2.89 -39.02
N ALA E 24 13.80 3.24 -40.22
CA ALA E 24 12.42 3.53 -40.50
C ALA E 24 11.75 2.39 -41.26
N SER E 25 10.47 2.19 -40.97
CA SER E 25 9.68 1.18 -41.64
C SER E 25 8.23 1.61 -41.61
N GLY E 26 7.41 0.93 -42.37
CA GLY E 26 6.00 1.24 -42.45
C GLY E 26 5.68 1.98 -43.73
N ARG E 27 4.61 2.76 -43.71
CA ARG E 27 4.12 3.39 -44.94
C ARG E 27 4.77 4.78 -45.03
N ILE E 28 5.92 4.81 -45.66
CA ILE E 28 6.79 5.97 -45.76
C ILE E 28 6.47 6.70 -47.04
N SER E 29 6.23 7.99 -46.92
CA SER E 29 5.87 8.77 -48.08
C SER E 29 7.07 9.05 -48.95
N SER E 30 6.77 9.31 -50.23
CA SER E 30 7.78 9.80 -51.15
C SER E 30 8.33 11.15 -50.75
N ILE E 31 7.58 11.95 -49.99
CA ILE E 31 8.02 13.28 -49.53
C ILE E 31 8.01 13.20 -48.01
N ILE E 32 9.19 13.09 -47.41
CA ILE E 32 9.34 12.82 -45.99
C ILE E 32 10.56 13.58 -45.52
N HIS E 33 10.39 14.28 -44.40
CA HIS E 33 11.47 15.04 -43.80
C HIS E 33 11.85 14.30 -42.55
N MET E 34 13.11 13.97 -42.44
CA MET E 34 13.61 13.22 -41.30
C MET E 34 14.43 14.13 -40.43
N ALA E 35 14.32 13.95 -39.11
CA ALA E 35 14.98 14.87 -38.21
C ALA E 35 15.50 14.15 -36.99
N TRP E 36 16.48 14.75 -36.34
CA TRP E 36 16.88 14.39 -34.99
C TRP E 36 16.47 15.55 -34.11
N PHE E 37 15.78 15.23 -32.99
CA PHE E 37 15.50 16.17 -31.91
C PHE E 37 16.17 15.71 -30.64
N ARG E 38 16.24 16.57 -29.65
CA ARG E 38 16.74 16.16 -28.34
C ARG E 38 15.95 16.81 -27.22
N GLN E 39 15.89 16.15 -26.09
CA GLN E 39 15.19 16.61 -24.89
C GLN E 39 16.14 16.42 -23.72
N ALA E 40 16.51 17.51 -23.07
CA ALA E 40 17.34 17.49 -21.89
C ALA E 40 16.59 18.07 -20.68
N PRO E 41 17.02 17.74 -19.45
CA PRO E 41 16.39 18.37 -18.28
C PRO E 41 16.57 19.87 -18.34
N GLY E 42 15.52 20.61 -17.98
CA GLY E 42 15.63 22.04 -17.88
C GLY E 42 15.59 22.79 -19.19
N LYS E 43 15.27 22.12 -20.29
CA LYS E 43 15.25 22.71 -21.62
C LYS E 43 14.02 22.20 -22.35
N GLU E 44 13.60 22.94 -23.35
CA GLU E 44 12.56 22.51 -24.25
C GLU E 44 13.14 21.54 -25.27
N ARG E 45 12.26 20.68 -25.82
CA ARG E 45 12.61 19.85 -26.97
C ARG E 45 13.23 20.74 -28.04
N GLU E 46 14.29 20.26 -28.67
CA GLU E 46 15.04 21.05 -29.61
C GLU E 46 15.37 20.27 -30.86
N LEU E 47 15.14 20.89 -32.00
CA LEU E 47 15.57 20.35 -33.27
C LEU E 47 17.10 20.36 -33.28
N VAL E 48 17.70 19.26 -33.69
CA VAL E 48 19.15 19.14 -33.84
C VAL E 48 19.56 19.24 -35.30
N SER E 49 18.96 18.41 -36.15
CA SER E 49 19.28 18.37 -37.58
C SER E 49 18.11 17.78 -38.35
N GLU E 50 18.03 18.08 -39.64
CA GLU E 50 16.99 17.55 -40.49
C GLU E 50 17.55 17.38 -41.90
N ILE E 51 16.95 16.45 -42.64
CA ILE E 51 17.32 16.20 -44.02
C ILE E 51 16.08 15.84 -44.82
N SER E 52 16.00 16.37 -46.03
CA SER E 52 14.94 16.03 -46.96
C SER E 52 15.40 14.89 -47.86
N ARG E 53 14.49 14.34 -48.65
CA ARG E 53 14.86 13.20 -49.48
C ARG E 53 15.97 13.54 -50.46
N VAL E 54 15.98 14.74 -51.01
CA VAL E 54 17.05 15.12 -51.95
C VAL E 54 18.35 15.52 -51.26
N GLY E 55 18.37 15.55 -49.94
CA GLY E 55 19.57 15.76 -49.19
C GLY E 55 19.81 17.15 -48.63
N THR E 56 18.86 18.08 -48.77
CA THR E 56 19.01 19.37 -48.12
C THR E 56 19.05 19.18 -46.63
N THR E 57 19.91 19.93 -45.94
CA THR E 57 20.08 19.73 -44.50
C THR E 57 19.93 21.06 -43.77
N VAL E 58 19.51 20.97 -42.52
CA VAL E 58 19.45 22.08 -41.57
C VAL E 58 20.05 21.59 -40.27
N TYR E 59 20.71 22.49 -39.54
CA TYR E 59 21.29 22.20 -38.25
C TYR E 59 20.93 23.30 -37.25
N ALA E 60 20.71 22.92 -35.98
CA ALA E 60 20.65 23.90 -34.90
C ALA E 60 21.99 24.65 -34.84
N ASP E 61 21.91 25.94 -34.53
CA ASP E 61 23.11 26.76 -34.48
C ASP E 61 24.14 26.20 -33.49
N SER E 62 23.69 25.57 -32.41
CA SER E 62 24.61 25.10 -31.40
C SER E 62 25.36 23.83 -31.79
N VAL E 63 24.98 23.15 -32.87
CA VAL E 63 25.67 21.95 -33.33
C VAL E 63 26.35 22.12 -34.66
N LYS E 64 26.18 23.26 -35.32
CA LYS E 64 26.80 23.47 -36.63
C LYS E 64 28.29 23.29 -36.57
N GLY E 65 28.78 22.50 -37.51
CA GLY E 65 30.16 22.19 -37.62
C GLY E 65 30.61 20.98 -36.82
N ARG E 66 29.82 20.56 -35.83
CA ARG E 66 30.16 19.40 -35.00
C ARG E 66 29.36 18.16 -35.35
N PHE E 67 28.11 18.32 -35.75
CA PHE E 67 27.23 17.19 -36.04
C PHE E 67 27.00 17.09 -37.55
N THR E 68 26.75 15.87 -38.03
CA THR E 68 26.46 15.66 -39.45
C THR E 68 25.36 14.61 -39.55
N ILE E 69 24.29 14.94 -40.22
CA ILE E 69 23.19 14.00 -40.47
C ILE E 69 23.49 13.28 -41.77
N SER E 70 23.12 11.99 -41.84
CA SER E 70 23.44 11.14 -42.98
C SER E 70 22.45 10.01 -43.05
N ARG E 71 22.65 9.12 -44.05
CA ARG E 71 21.68 8.06 -44.36
C ARG E 71 22.39 6.84 -44.90
N ASP E 72 21.77 5.67 -44.74
CA ASP E 72 22.02 4.49 -45.60
C ASP E 72 20.65 4.04 -46.07
N ASN E 73 20.27 4.41 -47.30
CA ASN E 73 18.94 4.10 -47.79
C ASN E 73 18.74 2.61 -48.02
N SER E 74 19.83 1.83 -48.16
CA SER E 74 19.66 0.39 -48.36
C SER E 74 19.06 -0.27 -47.12
N LYS E 75 19.16 0.40 -45.97
CA LYS E 75 18.61 -0.02 -44.68
C LYS E 75 17.47 0.88 -44.20
N ASN E 76 17.01 1.81 -45.03
CA ASN E 76 16.03 2.84 -44.63
C ASN E 76 16.42 3.55 -43.34
N THR E 77 17.71 3.84 -43.20
CA THR E 77 18.30 4.31 -41.96
C THR E 77 18.83 5.73 -42.11
N LEU E 78 18.57 6.51 -41.07
CA LEU E 78 19.02 7.86 -40.85
C LEU E 78 20.11 7.79 -39.79
N TYR E 79 21.19 8.56 -39.95
CA TYR E 79 22.26 8.62 -38.97
C TYR E 79 22.48 10.03 -38.47
N LEU E 80 23.02 10.15 -37.28
CA LEU E 80 23.58 11.42 -36.80
C LEU E 80 24.98 11.14 -36.27
N GLN E 81 25.99 11.65 -36.97
CA GLN E 81 27.35 11.65 -36.46
C GLN E 81 27.47 12.84 -35.53
N MET E 82 27.94 12.59 -34.34
CA MET E 82 28.15 13.58 -33.33
C MET E 82 29.65 13.59 -33.06
N ASN E 83 30.28 14.70 -33.27
CA ASN E 83 31.68 14.91 -32.96
C ASN E 83 31.81 16.04 -31.96
N SER E 84 32.98 16.12 -31.32
CA SER E 84 33.32 17.21 -30.39
C SER E 84 32.23 17.42 -29.33
N LEU E 85 31.79 16.32 -28.73
CA LEU E 85 30.64 16.36 -27.84
C LEU E 85 30.96 17.17 -26.60
N LYS E 86 29.96 17.89 -26.11
CA LYS E 86 30.07 18.79 -24.97
C LYS E 86 29.07 18.33 -23.91
N PRO E 87 29.29 18.67 -22.62
CA PRO E 87 28.30 18.31 -21.59
C PRO E 87 26.89 18.76 -21.89
N GLU E 88 26.75 19.92 -22.50
CA GLU E 88 25.41 20.42 -22.80
C GLU E 88 24.72 19.67 -23.95
N ASP E 89 25.41 18.76 -24.65
CA ASP E 89 24.77 17.86 -25.58
C ASP E 89 24.08 16.69 -24.90
N THR E 90 24.21 16.52 -23.59
CA THR E 90 23.50 15.44 -22.92
C THR E 90 22.00 15.58 -23.06
N ALA E 91 21.33 14.51 -23.45
CA ALA E 91 19.90 14.54 -23.72
C ALA E 91 19.44 13.18 -24.16
N VAL E 92 18.14 12.96 -24.17
CA VAL E 92 17.56 11.89 -24.97
C VAL E 92 17.41 12.42 -26.38
N TYR E 93 17.96 11.70 -27.35
CA TYR E 93 17.84 12.05 -28.75
C TYR E 93 16.76 11.20 -29.40
N TYR E 94 15.88 11.84 -30.14
CA TYR E 94 14.79 11.18 -30.86
C TYR E 94 14.96 11.37 -32.38
N CYS E 95 14.61 10.32 -33.11
CA CYS E 95 14.36 10.31 -34.54
C CYS E 95 12.90 10.76 -34.77
N ASN E 96 12.66 11.61 -35.75
CA ASN E 96 11.34 12.10 -36.11
C ASN E 96 11.18 12.07 -37.62
N ALA E 97 9.96 11.80 -38.09
CA ALA E 97 9.64 11.80 -39.50
C ALA E 97 8.35 12.58 -39.73
N LEU E 98 8.38 13.52 -40.65
CA LEU E 98 7.26 14.41 -40.91
C LEU E 98 6.78 14.19 -42.31
N GLN E 99 5.53 13.76 -42.42
CA GLN E 99 4.94 13.58 -43.72
C GLN E 99 3.46 13.83 -43.60
N TYR E 100 2.79 14.01 -44.73
CA TYR E 100 1.35 14.12 -44.67
C TYR E 100 0.69 12.75 -44.55
N GLU E 101 -0.44 12.73 -43.85
CA GLU E 101 -1.47 11.72 -43.90
C GLU E 101 -2.72 12.40 -44.44
N LYS E 102 -3.80 11.63 -44.60
CA LYS E 102 -5.00 12.12 -45.26
C LYS E 102 -5.55 13.36 -44.60
N HIS E 103 -5.53 13.44 -43.28
CA HIS E 103 -6.14 14.53 -42.54
C HIS E 103 -5.19 15.66 -42.21
N GLY E 104 -3.90 15.53 -42.53
CA GLY E 104 -2.95 16.55 -42.14
C GLY E 104 -1.58 15.94 -41.88
N GLY E 105 -0.69 16.78 -41.42
CA GLY E 105 0.65 16.34 -41.11
C GLY E 105 0.70 15.38 -39.94
N ALA E 106 1.69 14.50 -40.00
CA ALA E 106 1.99 13.60 -38.92
C ALA E 106 3.47 13.69 -38.62
N ASP E 107 3.79 13.79 -37.34
CA ASP E 107 5.16 13.80 -36.84
C ASP E 107 5.33 12.49 -36.07
N TYR E 108 6.03 11.56 -36.69
CA TYR E 108 6.24 10.24 -36.11
C TYR E 108 7.49 10.33 -35.26
N TRP E 109 7.47 9.65 -34.11
CA TRP E 109 8.56 9.66 -33.15
C TRP E 109 9.18 8.29 -32.98
N GLY E 110 10.48 8.24 -32.87
CA GLY E 110 11.15 7.08 -32.32
C GLY E 110 11.08 7.07 -30.80
N GLN E 111 11.68 6.05 -30.19
CA GLN E 111 11.56 5.84 -28.78
C GLN E 111 12.48 6.79 -27.99
N GLY E 112 13.61 7.14 -28.62
CA GLY E 112 14.68 7.86 -27.94
C GLY E 112 15.90 6.99 -27.64
N THR E 113 17.06 7.62 -27.63
CA THR E 113 18.30 6.95 -27.22
C THR E 113 19.03 8.00 -26.38
N LEU E 114 19.48 7.58 -25.20
CA LEU E 114 20.08 8.50 -24.25
C LEU E 114 21.53 8.72 -24.63
N VAL E 115 21.98 9.96 -24.56
CA VAL E 115 23.37 10.33 -24.74
C VAL E 115 23.78 11.14 -23.54
N THR E 116 24.79 10.68 -22.82
CA THR E 116 25.29 11.37 -21.64
C THR E 116 26.76 11.67 -21.86
N VAL E 117 27.09 12.96 -21.87
CA VAL E 117 28.45 13.43 -22.07
C VAL E 117 28.92 13.95 -20.73
N SER E 118 29.92 13.31 -20.14
CA SER E 118 30.35 13.74 -18.81
C SER E 118 31.79 13.38 -18.53
N SER E 119 32.42 14.29 -17.75
CA SER E 119 33.78 14.09 -17.28
C SER E 119 33.74 13.16 -16.04
N HIS E 120 32.62 13.15 -15.31
CA HIS E 120 32.41 12.39 -14.07
C HIS E 120 31.16 11.52 -14.17
N HIS E 121 31.30 10.37 -14.85
CA HIS E 121 30.24 9.37 -14.88
C HIS E 121 30.34 8.59 -13.55
N GLU F 1 -12.45 24.87 32.17
CA GLU F 1 -13.03 23.84 31.27
C GLU F 1 -14.01 22.97 32.08
N VAL F 2 -15.04 22.46 31.43
CA VAL F 2 -15.96 21.48 31.99
C VAL F 2 -15.76 20.22 31.19
N GLN F 3 -15.36 19.16 31.89
CA GLN F 3 -15.26 17.85 31.29
C GLN F 3 -16.57 17.11 31.48
N LEU F 4 -17.02 16.42 30.43
CA LEU F 4 -18.29 15.68 30.42
C LEU F 4 -18.03 14.25 29.98
N LEU F 5 -18.33 13.29 30.85
CA LEU F 5 -18.06 11.87 30.59
C LEU F 5 -19.39 11.17 30.49
N GLU F 6 -19.67 10.61 29.32
CA GLU F 6 -20.94 9.95 29.09
C GLU F 6 -20.88 8.44 29.30
N SER F 7 -22.02 7.87 29.67
CA SER F 7 -22.17 6.44 29.75
C SER F 7 -23.64 6.13 29.50
N GLY F 8 -23.94 4.81 29.34
CA GLY F 8 -25.31 4.32 29.38
C GLY F 8 -25.88 3.87 28.05
N GLY F 9 -25.17 4.09 26.98
CA GLY F 9 -25.67 3.73 25.67
C GLY F 9 -25.58 2.25 25.42
N GLY F 10 -26.00 1.83 24.23
CA GLY F 10 -25.92 0.46 23.80
C GLY F 10 -27.05 0.10 22.86
N LEU F 11 -27.43 -1.18 22.88
CA LEU F 11 -28.40 -1.74 21.96
C LEU F 11 -29.67 -2.03 22.71
N VAL F 12 -30.82 -1.78 22.07
CA VAL F 12 -32.14 -1.97 22.65
C VAL F 12 -33.15 -2.23 21.56
N GLN F 13 -34.22 -2.94 21.91
CA GLN F 13 -35.28 -3.20 20.94
C GLN F 13 -36.32 -2.08 20.96
N PRO F 14 -37.09 -1.94 19.88
CA PRO F 14 -38.18 -0.94 19.88
C PRO F 14 -39.16 -1.20 21.00
N GLY F 15 -39.64 -0.12 21.58
CA GLY F 15 -40.43 -0.18 22.79
C GLY F 15 -39.62 -0.23 24.06
N GLY F 16 -38.32 -0.40 23.97
CA GLY F 16 -37.48 -0.49 25.15
C GLY F 16 -37.15 0.85 25.75
N SER F 17 -36.30 0.79 26.76
CA SER F 17 -35.89 1.98 27.49
C SER F 17 -34.40 1.94 27.79
N LEU F 18 -33.77 3.09 27.90
CA LEU F 18 -32.38 3.22 28.30
C LEU F 18 -32.26 4.52 29.05
N ARG F 19 -31.31 4.60 29.96
CA ARG F 19 -30.99 5.84 30.64
C ARG F 19 -29.53 6.21 30.40
N LEU F 20 -29.29 7.36 29.82
CA LEU F 20 -27.95 7.87 29.56
C LEU F 20 -27.50 8.73 30.74
N SER F 21 -26.20 8.77 30.98
CA SER F 21 -25.57 9.50 32.06
C SER F 21 -24.48 10.39 31.50
N CYS F 22 -24.27 11.52 32.15
CA CYS F 22 -23.28 12.49 31.78
C CYS F 22 -22.72 13.07 33.06
N ALA F 23 -21.48 12.76 33.40
CA ALA F 23 -20.86 13.18 34.65
C ALA F 23 -19.99 14.40 34.34
N ALA F 24 -20.22 15.51 35.02
CA ALA F 24 -19.52 16.76 34.79
C ALA F 24 -18.47 17.01 35.86
N SER F 25 -17.35 17.61 35.47
CA SER F 25 -16.32 17.99 36.40
C SER F 25 -15.60 19.19 35.82
N GLY F 26 -14.76 19.81 36.62
CA GLY F 26 -14.09 21.02 36.22
C GLY F 26 -14.71 22.26 36.84
N ARG F 27 -14.51 23.37 36.15
CA ARG F 27 -14.87 24.68 36.68
C ARG F 27 -16.29 24.94 36.15
N ILE F 28 -17.30 24.55 36.92
CA ILE F 28 -18.69 24.58 36.53
C ILE F 28 -19.26 25.89 37.04
N SER F 29 -19.89 26.65 36.15
CA SER F 29 -20.48 27.93 36.51
C SER F 29 -21.77 27.76 37.32
N SER F 30 -22.07 28.81 38.10
CA SER F 30 -23.36 28.89 38.79
C SER F 30 -24.53 29.01 37.83
N ILE F 31 -24.31 29.47 36.60
CA ILE F 31 -25.35 29.58 35.60
C ILE F 31 -24.86 28.67 34.47
N ILE F 32 -25.45 27.51 34.36
CA ILE F 32 -25.01 26.48 33.43
C ILE F 32 -26.25 25.81 32.88
N HIS F 33 -26.29 25.67 31.56
CA HIS F 33 -27.40 25.02 30.85
C HIS F 33 -26.88 23.71 30.29
N MET F 34 -27.53 22.62 30.65
CA MET F 34 -27.07 21.29 30.25
C MET F 34 -28.05 20.73 29.25
N ALA F 35 -27.55 20.05 28.23
CA ALA F 35 -28.39 19.56 27.18
C ALA F 35 -27.93 18.18 26.73
N TRP F 36 -28.87 17.46 26.10
CA TRP F 36 -28.60 16.30 25.28
C TRP F 36 -28.91 16.68 23.85
N PHE F 37 -27.97 16.37 22.95
CA PHE F 37 -28.15 16.43 21.51
C PHE F 37 -28.00 15.01 20.96
N ARG F 38 -28.40 14.83 19.72
CA ARG F 38 -28.17 13.54 19.06
C ARG F 38 -27.93 13.76 17.58
N GLN F 39 -27.27 12.80 16.95
CA GLN F 39 -27.08 12.83 15.50
C GLN F 39 -27.35 11.44 14.98
N ALA F 40 -28.38 11.32 14.13
CA ALA F 40 -28.75 10.09 13.49
C ALA F 40 -27.91 9.95 12.22
N PRO F 41 -27.78 8.75 11.66
CA PRO F 41 -26.87 8.57 10.51
C PRO F 41 -27.24 9.42 9.31
N GLY F 42 -26.28 10.24 8.88
CA GLY F 42 -26.48 11.10 7.75
C GLY F 42 -27.29 12.34 8.00
N LYS F 43 -27.73 12.60 9.23
CA LYS F 43 -28.63 13.69 9.56
C LYS F 43 -27.88 14.77 10.34
N GLU F 44 -28.49 15.95 10.39
CA GLU F 44 -27.92 17.03 11.19
C GLU F 44 -28.14 16.73 12.66
N ARG F 45 -27.20 17.14 13.47
CA ARG F 45 -27.35 17.07 14.93
C ARG F 45 -28.53 17.88 15.37
N GLU F 46 -29.28 17.38 16.35
CA GLU F 46 -30.49 18.04 16.82
C GLU F 46 -30.51 18.01 18.33
N LEU F 47 -31.05 19.07 18.92
CA LEU F 47 -31.31 19.14 20.35
C LEU F 47 -32.38 18.12 20.71
N VAL F 48 -32.17 17.43 21.81
CA VAL F 48 -33.12 16.46 22.38
C VAL F 48 -33.82 17.02 23.62
N SER F 49 -33.04 17.50 24.59
CA SER F 49 -33.61 18.03 25.82
C SER F 49 -32.59 18.94 26.48
N GLU F 50 -33.05 19.81 27.37
CA GLU F 50 -32.19 20.75 28.07
C GLU F 50 -32.77 21.03 29.45
N ILE F 51 -31.92 21.36 30.40
CA ILE F 51 -32.33 21.74 31.76
C ILE F 51 -31.42 22.84 32.28
N SER F 52 -32.02 23.83 32.94
CA SER F 52 -31.24 24.88 33.59
C SER F 52 -31.02 24.49 35.04
N ARG F 53 -30.20 25.26 35.75
CA ARG F 53 -29.88 24.86 37.10
C ARG F 53 -31.13 24.86 37.97
N VAL F 54 -32.07 25.77 37.74
CA VAL F 54 -33.28 25.76 38.56
C VAL F 54 -34.30 24.71 38.11
N GLY F 55 -34.04 23.98 37.05
CA GLY F 55 -34.82 22.84 36.64
C GLY F 55 -35.78 23.05 35.50
N THR F 56 -35.77 24.24 34.88
CA THR F 56 -36.61 24.44 33.71
C THR F 56 -36.14 23.50 32.63
N THR F 57 -37.06 22.90 31.91
CA THR F 57 -36.74 21.91 30.89
C THR F 57 -37.35 22.27 29.54
N VAL F 58 -36.71 21.82 28.49
CA VAL F 58 -37.17 21.93 27.10
C VAL F 58 -36.98 20.55 26.47
N TYR F 59 -37.87 20.17 25.53
CA TYR F 59 -37.74 18.90 24.81
C TYR F 59 -37.98 19.11 23.32
N ALA F 60 -37.28 18.39 22.47
CA ALA F 60 -37.63 18.34 21.06
C ALA F 60 -39.02 17.75 20.89
N ASP F 61 -39.75 18.26 19.91
CA ASP F 61 -41.12 17.81 19.73
C ASP F 61 -41.22 16.31 19.51
N SER F 62 -40.22 15.74 18.84
CA SER F 62 -40.26 14.32 18.52
C SER F 62 -40.05 13.41 19.72
N VAL F 63 -39.64 13.94 20.87
CA VAL F 63 -39.40 13.12 22.06
C VAL F 63 -40.32 13.48 23.22
N LYS F 64 -41.13 14.54 23.09
CA LYS F 64 -42.03 14.94 24.16
C LYS F 64 -42.92 13.79 24.58
N GLY F 65 -42.98 13.59 25.89
CA GLY F 65 -43.76 12.52 26.48
C GLY F 65 -43.04 11.20 26.64
N ARG F 66 -41.94 10.98 25.93
CA ARG F 66 -41.21 9.74 25.96
C ARG F 66 -39.90 9.83 26.69
N PHE F 67 -39.25 11.01 26.64
CA PHE F 67 -37.92 11.20 27.24
C PHE F 67 -38.04 12.17 28.41
N THR F 68 -37.19 12.00 29.40
CA THR F 68 -37.19 12.84 30.59
C THR F 68 -35.75 13.10 30.97
N ILE F 69 -35.41 14.36 31.12
CA ILE F 69 -34.07 14.77 31.54
C ILE F 69 -34.09 14.86 33.07
N SER F 70 -33.01 14.47 33.72
CA SER F 70 -32.95 14.51 35.17
C SER F 70 -31.49 14.64 35.61
N ARG F 71 -31.28 14.62 36.93
CA ARG F 71 -29.97 14.90 37.52
C ARG F 71 -29.79 14.14 38.82
N ASP F 72 -28.53 13.88 39.19
CA ASP F 72 -28.15 13.57 40.57
C ASP F 72 -26.99 14.53 40.84
N ASN F 73 -27.26 15.61 41.54
CA ASN F 73 -26.26 16.64 41.80
C ASN F 73 -25.18 16.15 42.73
N SER F 74 -25.46 15.14 43.55
CA SER F 74 -24.45 14.59 44.44
C SER F 74 -23.29 13.96 43.68
N LYS F 75 -23.52 13.63 42.41
CA LYS F 75 -22.52 13.07 41.50
C LYS F 75 -22.21 14.03 40.36
N ASN F 76 -22.71 15.27 40.39
CA ASN F 76 -22.60 16.22 39.28
C ASN F 76 -23.02 15.61 37.95
N THR F 77 -24.10 14.84 37.97
CA THR F 77 -24.49 13.99 36.84
C THR F 77 -25.84 14.40 36.28
N LEU F 78 -25.89 14.41 34.97
CA LEU F 78 -27.10 14.67 34.19
C LEU F 78 -27.55 13.34 33.62
N TYR F 79 -28.85 13.08 33.56
CA TYR F 79 -29.36 11.87 33.00
C TYR F 79 -30.34 12.17 31.85
N LEU F 80 -30.54 11.22 30.96
CA LEU F 80 -31.63 11.23 30.00
C LEU F 80 -32.31 9.88 30.08
N GLN F 81 -33.51 9.81 30.62
CA GLN F 81 -34.32 8.61 30.58
C GLN F 81 -35.02 8.61 29.24
N MET F 82 -34.89 7.52 28.51
CA MET F 82 -35.52 7.35 27.22
C MET F 82 -36.45 6.16 27.34
N ASN F 83 -37.74 6.39 27.17
CA ASN F 83 -38.76 5.36 27.14
C ASN F 83 -39.39 5.30 25.75
N SER F 84 -40.08 4.18 25.50
CA SER F 84 -40.84 3.96 24.29
C SER F 84 -39.97 4.21 23.04
N LEU F 85 -38.78 3.63 23.06
CA LEU F 85 -37.78 3.94 22.02
C LEU F 85 -38.24 3.42 20.67
N LYS F 86 -37.93 4.15 19.61
CA LYS F 86 -38.33 3.86 18.24
C LYS F 86 -37.06 3.74 17.41
N PRO F 87 -37.10 3.04 16.26
CA PRO F 87 -35.90 2.96 15.42
C PRO F 87 -35.29 4.30 15.05
N GLU F 88 -36.13 5.31 14.87
CA GLU F 88 -35.64 6.64 14.51
C GLU F 88 -34.97 7.37 15.66
N ASP F 89 -34.97 6.81 16.87
CA ASP F 89 -34.16 7.34 17.97
C ASP F 89 -32.71 6.86 17.91
N THR F 90 -32.37 5.98 17.00
CA THR F 90 -31.00 5.55 16.82
C THR F 90 -30.13 6.75 16.49
N ALA F 91 -29.02 6.91 17.19
CA ALA F 91 -28.18 8.10 16.99
C ALA F 91 -27.00 7.99 17.92
N VAL F 92 -26.01 8.82 17.69
CA VAL F 92 -25.01 9.13 18.71
C VAL F 92 -25.60 10.28 19.53
N TYR F 93 -25.67 10.09 20.83
CA TYR F 93 -26.16 11.08 21.75
C TYR F 93 -25.00 11.74 22.46
N TYR F 94 -25.06 13.06 22.57
CA TYR F 94 -24.00 13.86 23.19
C TYR F 94 -24.60 14.66 24.35
N CYS F 95 -23.87 14.76 25.43
CA CYS F 95 -24.07 15.70 26.53
C CYS F 95 -23.37 17.00 26.20
N ASN F 96 -23.99 18.12 26.53
CA ASN F 96 -23.42 19.45 26.30
C ASN F 96 -23.66 20.35 27.49
N ALA F 97 -22.72 21.25 27.74
CA ALA F 97 -22.83 22.23 28.80
C ALA F 97 -22.52 23.60 28.22
N LEU F 98 -23.38 24.57 28.51
CA LEU F 98 -23.27 25.90 27.95
C LEU F 98 -23.14 26.89 29.09
N GLN F 99 -22.02 27.60 29.13
CA GLN F 99 -21.80 28.58 30.18
C GLN F 99 -20.87 29.64 29.63
N TYR F 100 -20.82 30.79 30.27
CA TYR F 100 -19.84 31.78 29.87
C TYR F 100 -18.49 31.51 30.50
N GLU F 101 -17.45 31.83 29.75
CA GLU F 101 -16.09 31.96 30.26
C GLU F 101 -15.70 33.44 30.12
N LYS F 102 -14.49 33.77 30.57
CA LYS F 102 -14.03 35.16 30.64
C LYS F 102 -14.15 35.88 29.31
N HIS F 103 -13.87 35.21 28.20
CA HIS F 103 -13.80 35.80 26.88
C HIS F 103 -14.91 35.38 25.94
N GLY F 104 -15.94 34.70 26.41
CA GLY F 104 -17.07 34.38 25.56
C GLY F 104 -17.77 33.12 26.05
N GLY F 105 -18.86 32.81 25.38
CA GLY F 105 -19.58 31.58 25.66
C GLY F 105 -18.73 30.35 25.34
N ALA F 106 -18.98 29.28 26.08
CA ALA F 106 -18.34 27.99 25.83
C ALA F 106 -19.38 26.89 25.79
N ASP F 107 -19.28 26.00 24.82
CA ASP F 107 -20.20 24.85 24.63
C ASP F 107 -19.32 23.60 24.74
N TYR F 108 -19.36 22.95 25.90
CA TYR F 108 -18.53 21.80 26.16
C TYR F 108 -19.28 20.56 25.74
N TRP F 109 -18.56 19.56 25.22
CA TRP F 109 -19.17 18.33 24.72
C TRP F 109 -18.65 17.10 25.45
N GLY F 110 -19.55 16.17 25.70
CA GLY F 110 -19.22 14.79 26.02
C GLY F 110 -18.75 14.05 24.77
N GLN F 111 -18.31 12.78 24.93
CA GLN F 111 -17.61 12.13 23.83
C GLN F 111 -18.55 11.70 22.71
N GLY F 112 -19.82 11.43 23.08
CA GLY F 112 -20.80 10.79 22.22
C GLY F 112 -21.00 9.34 22.61
N THR F 113 -22.25 8.94 22.69
CA THR F 113 -22.64 7.60 23.10
C THR F 113 -23.63 7.04 22.10
N LEU F 114 -23.32 5.87 21.55
CA LEU F 114 -24.20 5.31 20.56
C LEU F 114 -25.38 4.62 21.22
N VAL F 115 -26.57 4.85 20.65
CA VAL F 115 -27.81 4.17 21.00
C VAL F 115 -28.36 3.63 19.70
N THR F 116 -28.55 2.33 19.63
CA THR F 116 -29.11 1.70 18.44
C THR F 116 -30.38 0.97 18.86
N VAL F 117 -31.49 1.34 18.26
CA VAL F 117 -32.80 0.77 18.52
C VAL F 117 -33.15 -0.04 17.29
N SER F 118 -33.26 -1.34 17.42
CA SER F 118 -33.54 -2.17 16.26
C SER F 118 -34.13 -3.47 16.66
N SER F 119 -35.05 -3.97 15.74
CA SER F 119 -35.73 -5.28 15.88
C SER F 119 -34.80 -6.39 15.41
N HIS F 120 -33.86 -6.10 14.46
CA HIS F 120 -32.96 -7.10 13.94
C HIS F 120 -31.53 -6.61 14.15
N HIS F 121 -31.03 -6.78 15.37
CA HIS F 121 -29.60 -6.57 15.64
C HIS F 121 -28.96 -7.87 15.14
N GLU G 1 -30.96 -19.95 18.91
CA GLU G 1 -30.02 -18.85 19.13
C GLU G 1 -30.50 -18.04 20.34
N VAL G 2 -29.56 -17.51 21.08
CA VAL G 2 -29.80 -16.51 22.13
C VAL G 2 -29.14 -15.23 21.68
N GLN G 3 -29.92 -14.17 21.64
CA GLN G 3 -29.44 -12.84 21.35
C GLN G 3 -29.19 -12.14 22.68
N LEU G 4 -28.08 -11.40 22.76
CA LEU G 4 -27.69 -10.71 23.96
C LEU G 4 -27.42 -9.26 23.58
N LEU G 5 -28.21 -8.34 24.13
CA LEU G 5 -28.09 -6.92 23.84
C LEU G 5 -27.54 -6.21 25.07
N GLU G 6 -26.38 -5.61 24.93
CA GLU G 6 -25.69 -4.98 26.04
C GLU G 6 -25.88 -3.48 26.02
N SER G 7 -25.84 -2.88 27.20
CA SER G 7 -25.85 -1.43 27.33
C SER G 7 -25.19 -1.10 28.64
N GLY G 8 -24.86 0.16 28.79
CA GLY G 8 -24.47 0.71 30.08
C GLY G 8 -23.03 1.16 30.22
N GLY G 9 -22.17 0.89 29.26
CA GLY G 9 -20.77 1.24 29.38
C GLY G 9 -20.52 2.71 29.10
N GLY G 10 -19.25 3.08 29.12
CA GLY G 10 -18.85 4.42 28.80
C GLY G 10 -17.59 4.82 29.55
N LEU G 11 -17.48 6.11 29.84
CA LEU G 11 -16.31 6.71 30.45
C LEU G 11 -16.66 7.12 31.88
N VAL G 12 -15.72 6.92 32.77
CA VAL G 12 -15.92 7.21 34.19
C VAL G 12 -14.57 7.53 34.81
N GLN G 13 -14.60 8.31 35.90
CA GLN G 13 -13.39 8.57 36.67
C GLN G 13 -13.16 7.48 37.71
N PRO G 14 -11.91 7.30 38.17
CA PRO G 14 -11.67 6.32 39.23
C PRO G 14 -12.46 6.64 40.46
N GLY G 15 -12.95 5.59 41.13
CA GLY G 15 -13.87 5.71 42.22
C GLY G 15 -15.32 5.79 41.82
N GLY G 16 -15.61 5.96 40.53
CA GLY G 16 -16.97 6.05 40.03
C GLY G 16 -17.64 4.69 39.94
N SER G 17 -18.84 4.69 39.39
CA SER G 17 -19.67 3.49 39.27
C SER G 17 -20.36 3.46 37.91
N LEU G 18 -20.68 2.26 37.46
CA LEU G 18 -21.47 2.06 36.24
C LEU G 18 -22.33 0.83 36.49
N ARG G 19 -23.42 0.70 35.76
CA ARG G 19 -24.22 -0.53 35.77
C ARG G 19 -24.40 -0.99 34.34
N LEU G 20 -23.92 -2.17 34.04
CA LEU G 20 -24.08 -2.78 32.72
C LEU G 20 -25.34 -3.63 32.73
N SER G 21 -26.00 -3.71 31.59
CA SER G 21 -27.19 -4.52 31.43
C SER G 21 -27.05 -5.41 30.21
N CYS G 22 -27.60 -6.62 30.28
CA CYS G 22 -27.58 -7.57 29.17
C CYS G 22 -28.97 -8.16 29.06
N ALA G 23 -29.67 -7.85 27.99
CA ALA G 23 -31.03 -8.34 27.77
C ALA G 23 -30.92 -9.56 26.87
N ALA G 24 -31.43 -10.71 27.35
CA ALA G 24 -31.34 -11.95 26.61
C ALA G 24 -32.71 -12.24 26.00
N SER G 25 -32.69 -12.80 24.80
CA SER G 25 -33.90 -13.19 24.14
C SER G 25 -33.55 -14.33 23.21
N GLY G 26 -34.58 -14.96 22.68
CA GLY G 26 -34.41 -16.12 21.82
C GLY G 26 -34.75 -17.40 22.55
N ARG G 27 -34.08 -18.46 22.14
CA ARG G 27 -34.37 -19.81 22.65
C ARG G 27 -33.45 -20.13 23.81
N ILE G 28 -33.89 -19.76 24.99
CA ILE G 28 -33.13 -19.81 26.22
C ILE G 28 -33.49 -21.11 26.91
N SER G 29 -32.47 -21.88 27.26
CA SER G 29 -32.72 -23.13 27.96
C SER G 29 -33.12 -22.85 29.39
N SER G 30 -33.88 -23.80 29.93
CA SER G 30 -34.12 -23.82 31.38
C SER G 30 -32.83 -24.00 32.17
N ILE G 31 -31.78 -24.54 31.56
CA ILE G 31 -30.49 -24.74 32.21
C ILE G 31 -29.47 -23.96 31.37
N ILE G 32 -29.02 -22.84 31.90
CA ILE G 32 -28.22 -21.89 31.14
C ILE G 32 -27.21 -21.23 32.07
N HIS G 33 -25.98 -21.11 31.60
CA HIS G 33 -24.97 -20.28 32.25
C HIS G 33 -25.04 -18.85 31.69
N MET G 34 -25.02 -17.85 32.59
CA MET G 34 -24.91 -16.44 32.19
C MET G 34 -23.78 -15.80 32.96
N ALA G 35 -23.03 -14.95 32.29
CA ALA G 35 -21.85 -14.35 32.88
C ALA G 35 -21.50 -13.05 32.19
N TRP G 36 -20.69 -12.25 32.88
CA TRP G 36 -19.96 -11.15 32.30
C TRP G 36 -18.50 -11.52 32.22
N PHE G 37 -17.92 -11.27 31.05
CA PHE G 37 -16.49 -11.39 30.81
C PHE G 37 -15.95 -9.99 30.50
N ARG G 38 -14.65 -9.82 30.55
CA ARG G 38 -14.01 -8.60 30.05
C ARG G 38 -12.68 -8.95 29.40
N GLN G 39 -12.23 -8.05 28.55
CA GLN G 39 -10.90 -8.15 27.98
C GLN G 39 -10.26 -6.79 28.09
N ALA G 40 -9.23 -6.70 28.89
CA ALA G 40 -8.46 -5.48 29.01
C ALA G 40 -7.35 -5.50 27.98
N PRO G 41 -6.91 -4.36 27.45
CA PRO G 41 -5.91 -4.40 26.39
C PRO G 41 -4.58 -4.94 26.89
N GLY G 42 -4.03 -5.87 26.13
CA GLY G 42 -2.82 -6.59 26.47
C GLY G 42 -3.02 -7.87 27.27
N LYS G 43 -4.27 -8.22 27.56
CA LYS G 43 -4.56 -9.41 28.32
C LYS G 43 -5.57 -10.29 27.58
N GLU G 44 -5.61 -11.56 27.98
CA GLU G 44 -6.66 -12.46 27.53
C GLU G 44 -7.96 -12.11 28.21
N ARG G 45 -9.08 -12.45 27.57
CA ARG G 45 -10.39 -12.30 28.20
C ARG G 45 -10.41 -13.07 29.50
N GLU G 46 -11.24 -12.60 30.44
CA GLU G 46 -11.38 -13.25 31.74
C GLU G 46 -12.85 -13.19 32.16
N LEU G 47 -13.27 -14.20 32.86
CA LEU G 47 -14.54 -14.20 33.55
C LEU G 47 -14.50 -13.12 34.62
N VAL G 48 -15.54 -12.31 34.69
CA VAL G 48 -15.73 -11.30 35.75
C VAL G 48 -16.67 -11.83 36.80
N SER G 49 -17.83 -12.29 36.37
CA SER G 49 -18.79 -12.82 37.30
C SER G 49 -19.77 -13.71 36.56
N GLU G 50 -20.27 -14.73 37.24
CA GLU G 50 -21.32 -15.58 36.74
C GLU G 50 -22.41 -15.74 37.79
N ILE G 51 -23.64 -16.02 37.34
CA ILE G 51 -24.79 -16.18 38.24
C ILE G 51 -25.71 -17.28 37.74
N SER G 52 -26.19 -18.12 38.65
CA SER G 52 -27.16 -19.17 38.33
C SER G 52 -28.59 -18.68 38.58
N ARG G 53 -29.57 -19.50 38.18
CA ARG G 53 -30.97 -19.09 38.34
C ARG G 53 -31.35 -18.90 39.81
N VAL G 54 -30.80 -19.73 40.72
CA VAL G 54 -31.06 -19.53 42.17
C VAL G 54 -30.18 -18.44 42.78
N GLY G 55 -29.34 -17.78 42.00
CA GLY G 55 -28.62 -16.65 42.51
C GLY G 55 -27.25 -16.95 43.05
N THR G 56 -26.74 -18.18 42.89
CA THR G 56 -25.35 -18.47 43.25
C THR G 56 -24.48 -17.64 42.34
N THR G 57 -23.44 -17.03 42.89
CA THR G 57 -22.54 -16.17 42.12
C THR G 57 -21.09 -16.54 42.37
N VAL G 58 -20.25 -16.32 41.36
CA VAL G 58 -18.81 -16.44 41.49
C VAL G 58 -18.25 -15.18 40.86
N TYR G 59 -17.18 -14.65 41.47
CA TYR G 59 -16.52 -13.44 41.01
C TYR G 59 -15.03 -13.66 40.84
N ALA G 60 -14.47 -13.01 39.86
CA ALA G 60 -13.02 -12.92 39.77
C ALA G 60 -12.46 -12.26 41.02
N ASP G 61 -11.29 -12.72 41.48
CA ASP G 61 -10.71 -12.18 42.69
C ASP G 61 -10.52 -10.67 42.65
N SER G 62 -10.21 -10.11 41.48
CA SER G 62 -9.91 -8.70 41.40
C SER G 62 -11.13 -7.81 41.53
N VAL G 63 -12.34 -8.34 41.49
CA VAL G 63 -13.56 -7.53 41.54
C VAL G 63 -14.40 -7.82 42.78
N LYS G 64 -14.03 -8.79 43.60
CA LYS G 64 -14.79 -9.18 44.78
C LYS G 64 -15.01 -8.00 45.71
N GLY G 65 -16.27 -7.80 46.10
CA GLY G 65 -16.65 -6.74 47.00
C GLY G 65 -16.95 -5.44 46.32
N ARG G 66 -16.53 -5.26 45.06
CA ARG G 66 -16.77 -4.05 44.30
C ARG G 66 -17.84 -4.22 43.23
N PHE G 67 -17.91 -5.38 42.60
CA PHE G 67 -18.85 -5.62 41.53
C PHE G 67 -19.91 -6.57 42.07
N THR G 68 -21.14 -6.41 41.58
CA THR G 68 -22.25 -7.28 41.98
C THR G 68 -23.04 -7.65 40.73
N ILE G 69 -23.21 -8.94 40.47
CA ILE G 69 -24.01 -9.44 39.37
C ILE G 69 -25.40 -9.75 39.90
N SER G 70 -26.39 -9.61 39.04
CA SER G 70 -27.74 -9.98 39.41
C SER G 70 -28.49 -10.23 38.11
N ARG G 71 -29.71 -10.72 38.24
CA ARG G 71 -30.59 -10.92 37.10
C ARG G 71 -31.99 -10.65 37.57
N ASP G 72 -32.82 -10.19 36.64
CA ASP G 72 -34.26 -10.11 36.85
C ASP G 72 -34.85 -11.11 35.89
N ASN G 73 -35.22 -12.28 36.42
CA ASN G 73 -35.75 -13.35 35.59
C ASN G 73 -37.06 -12.96 34.93
N SER G 74 -37.80 -12.01 35.53
CA SER G 74 -39.01 -11.52 34.90
C SER G 74 -38.74 -10.69 33.65
N LYS G 75 -37.52 -10.16 33.48
CA LYS G 75 -37.12 -9.41 32.28
C LYS G 75 -36.09 -10.16 31.43
N ASN G 76 -35.70 -11.37 31.80
CA ASN G 76 -34.56 -12.10 31.19
C ASN G 76 -33.30 -11.23 31.05
N THR G 77 -33.03 -10.39 32.06
CA THR G 77 -31.96 -9.40 31.99
C THR G 77 -30.94 -9.67 33.08
N LEU G 78 -29.67 -9.50 32.72
CA LEU G 78 -28.52 -9.67 33.59
C LEU G 78 -27.91 -8.30 33.80
N TYR G 79 -27.45 -8.04 35.03
CA TYR G 79 -26.85 -6.76 35.37
C TYR G 79 -25.49 -6.97 36.00
N LEU G 80 -24.62 -5.97 35.84
CA LEU G 80 -23.34 -5.92 36.56
C LEU G 80 -23.23 -4.53 37.14
N GLN G 81 -23.36 -4.41 38.44
CA GLN G 81 -23.15 -3.15 39.14
C GLN G 81 -21.67 -3.08 39.45
N MET G 82 -21.00 -2.03 39.03
CA MET G 82 -19.55 -1.94 39.14
C MET G 82 -19.31 -0.69 39.97
N ASN G 83 -18.83 -0.85 41.18
CA ASN G 83 -18.54 0.27 42.06
C ASN G 83 -17.04 0.34 42.31
N SER G 84 -16.61 1.50 42.81
CA SER G 84 -15.21 1.74 43.20
C SER G 84 -14.27 1.41 42.04
N LEU G 85 -14.63 1.91 40.85
CA LEU G 85 -13.91 1.52 39.64
C LEU G 85 -12.47 2.01 39.67
N LYS G 86 -11.59 1.20 39.11
CA LYS G 86 -10.15 1.40 39.04
C LYS G 86 -9.71 1.47 37.60
N PRO G 87 -8.59 2.16 37.30
CA PRO G 87 -8.11 2.16 35.90
C PRO G 87 -7.91 0.78 35.30
N GLU G 88 -7.49 -0.20 36.10
CA GLU G 88 -7.32 -1.56 35.59
C GLU G 88 -8.64 -2.30 35.33
N ASP G 89 -9.79 -1.72 35.67
CA ASP G 89 -11.07 -2.24 35.22
C ASP G 89 -11.40 -1.82 33.79
N THR G 90 -10.59 -0.97 33.17
CA THR G 90 -10.79 -0.59 31.78
C THR G 90 -10.72 -1.84 30.90
N ALA G 91 -11.73 -2.02 30.06
CA ALA G 91 -11.81 -3.24 29.26
C ALA G 91 -13.06 -3.14 28.39
N VAL G 92 -13.16 -3.99 27.38
CA VAL G 92 -14.44 -4.28 26.77
C VAL G 92 -15.08 -5.39 27.58
N TYR G 93 -16.30 -5.15 28.01
CA TYR G 93 -17.07 -6.08 28.78
C TYR G 93 -18.04 -6.77 27.87
N TYR G 94 -18.25 -8.06 28.08
CA TYR G 94 -19.10 -8.89 27.25
C TYR G 94 -20.06 -9.70 28.11
N CYS G 95 -21.33 -9.73 27.74
CA CYS G 95 -22.28 -10.71 28.27
C CYS G 95 -22.14 -12.03 27.51
N ASN G 96 -22.24 -13.16 28.24
CA ASN G 96 -22.17 -14.49 27.68
C ASN G 96 -23.36 -15.30 28.15
N ALA G 97 -23.86 -16.11 27.24
CA ALA G 97 -24.86 -17.15 27.53
C ALA G 97 -24.35 -18.49 26.96
N LEU G 98 -24.28 -19.51 27.82
CA LEU G 98 -23.69 -20.80 27.47
C LEU G 98 -24.63 -21.90 27.91
N GLN G 99 -25.05 -22.71 26.98
CA GLN G 99 -26.00 -23.78 27.28
C GLN G 99 -25.78 -24.95 26.34
N TYR G 100 -26.20 -26.12 26.80
CA TYR G 100 -26.25 -27.26 25.90
C TYR G 100 -27.53 -27.18 25.06
N GLU G 101 -27.36 -27.44 23.78
CA GLU G 101 -28.44 -27.56 22.81
C GLU G 101 -28.38 -28.96 22.19
N LYS G 102 -29.29 -29.21 21.24
CA LYS G 102 -29.47 -30.54 20.71
C LYS G 102 -28.19 -31.13 20.21
N HIS G 103 -27.31 -30.34 19.57
CA HIS G 103 -26.12 -30.94 18.95
C HIS G 103 -24.83 -30.60 19.66
N GLY G 104 -24.87 -29.98 20.85
CA GLY G 104 -23.68 -29.70 21.61
C GLY G 104 -23.80 -28.38 22.32
N GLY G 105 -22.71 -27.94 22.90
CA GLY G 105 -22.71 -26.66 23.59
C GLY G 105 -22.91 -25.53 22.61
N ALA G 106 -23.59 -24.50 23.10
CA ALA G 106 -23.86 -23.30 22.32
C ALA G 106 -23.43 -22.11 23.14
N ASP G 107 -22.59 -21.26 22.53
CA ASP G 107 -21.84 -20.18 23.20
C ASP G 107 -22.19 -18.86 22.54
N TYR G 108 -22.97 -18.04 23.23
CA TYR G 108 -23.48 -16.77 22.71
C TYR G 108 -22.81 -15.58 23.40
N TRP G 109 -22.50 -14.54 22.62
CA TRP G 109 -21.80 -13.35 23.10
C TRP G 109 -22.60 -12.10 22.72
N GLY G 110 -22.66 -11.12 23.63
CA GLY G 110 -23.12 -9.79 23.24
C GLY G 110 -22.04 -9.12 22.39
N GLN G 111 -22.36 -7.89 21.97
CA GLN G 111 -21.51 -7.16 21.02
C GLN G 111 -20.20 -6.65 21.66
N GLY G 112 -20.23 -6.44 22.96
CA GLY G 112 -19.17 -5.81 23.71
C GLY G 112 -19.52 -4.38 24.07
N THR G 113 -19.17 -3.98 25.28
CA THR G 113 -19.44 -2.66 25.82
C THR G 113 -18.16 -2.15 26.42
N LEU G 114 -17.69 -1.03 25.90
CA LEU G 114 -16.42 -0.48 26.37
C LEU G 114 -16.63 0.26 27.68
N VAL G 115 -15.72 0.03 28.60
CA VAL G 115 -15.64 0.77 29.87
C VAL G 115 -14.23 1.30 29.96
N THR G 116 -14.07 2.62 30.10
CA THR G 116 -12.76 3.27 30.27
C THR G 116 -12.78 4.05 31.56
N VAL G 117 -11.90 3.65 32.50
CA VAL G 117 -11.81 4.30 33.82
C VAL G 117 -10.51 5.08 33.79
N SER G 118 -10.59 6.40 33.82
CA SER G 118 -9.41 7.22 33.75
C SER G 118 -9.75 8.59 34.29
N SER G 119 -8.81 9.14 35.03
CA SER G 119 -8.86 10.56 35.27
C SER G 119 -8.40 11.33 34.07
N HIS G 120 -7.67 10.70 33.11
CA HIS G 120 -7.18 11.40 31.90
C HIS G 120 -7.99 11.03 30.64
N HIS G 121 -9.15 11.61 30.55
CA HIS G 121 -9.84 11.50 29.28
C HIS G 121 -9.40 12.66 28.36
N GLU H 1 41.17 1.50 -10.39
CA GLU H 1 39.83 1.41 -11.03
C GLU H 1 39.97 1.49 -12.53
N VAL H 2 39.10 0.74 -13.21
CA VAL H 2 38.90 0.83 -14.64
C VAL H 2 37.46 1.27 -14.86
N GLN H 3 37.27 2.36 -15.59
CA GLN H 3 35.95 2.84 -16.01
C GLN H 3 35.65 2.30 -17.40
N LEU H 4 34.40 1.87 -17.62
CA LEU H 4 33.96 1.29 -18.87
C LEU H 4 32.72 2.06 -19.29
N LEU H 5 32.82 2.73 -20.43
CA LEU H 5 31.70 3.54 -20.92
C LEU H 5 31.16 2.85 -22.15
N GLU H 6 29.94 2.40 -22.07
CA GLU H 6 29.32 1.65 -23.17
C GLU H 6 28.42 2.54 -24.02
N SER H 7 28.33 2.19 -25.30
CA SER H 7 27.41 2.82 -26.22
C SER H 7 27.06 1.83 -27.31
N GLY H 8 26.05 2.19 -28.09
CA GLY H 8 25.74 1.50 -29.34
C GLY H 8 24.47 0.69 -29.36
N GLY H 9 23.82 0.48 -28.25
CA GLY H 9 22.64 -0.37 -28.20
C GLY H 9 21.40 0.38 -28.67
N GLY H 10 20.27 -0.30 -28.61
CA GLY H 10 18.99 0.25 -28.98
C GLY H 10 18.09 -0.80 -29.60
N LEU H 11 17.19 -0.35 -30.45
CA LEU H 11 16.15 -1.17 -31.04
C LEU H 11 16.48 -1.47 -32.49
N VAL H 12 16.17 -2.69 -32.89
CA VAL H 12 16.42 -3.18 -34.23
C VAL H 12 15.36 -4.23 -34.57
N GLN H 13 15.17 -4.48 -35.88
CA GLN H 13 14.33 -5.58 -36.36
C GLN H 13 15.18 -6.82 -36.54
N PRO H 14 14.58 -8.02 -36.52
CA PRO H 14 15.37 -9.23 -36.78
C PRO H 14 16.05 -9.18 -38.15
N GLY H 15 17.24 -9.72 -38.21
CA GLY H 15 18.08 -9.61 -39.37
C GLY H 15 18.93 -8.37 -39.42
N GLY H 16 18.69 -7.40 -38.53
CA GLY H 16 19.48 -6.19 -38.49
C GLY H 16 20.82 -6.40 -37.80
N SER H 17 21.55 -5.30 -37.66
CA SER H 17 22.88 -5.32 -37.04
C SER H 17 23.05 -4.10 -36.14
N LEU H 18 23.94 -4.26 -35.15
CA LEU H 18 24.33 -3.17 -34.27
C LEU H 18 25.81 -3.33 -34.00
N ARG H 19 26.47 -2.27 -33.59
CA ARG H 19 27.84 -2.34 -33.09
C ARG H 19 27.91 -1.71 -31.71
N LEU H 20 28.26 -2.48 -30.72
CA LEU H 20 28.43 -1.98 -29.36
C LEU H 20 29.88 -1.55 -29.21
N SER H 21 30.12 -0.51 -28.40
CA SER H 21 31.46 -0.04 -28.08
C SER H 21 31.61 0.07 -26.58
N CYS H 22 32.82 -0.20 -26.10
CA CYS H 22 33.13 -0.09 -24.69
C CYS H 22 34.48 0.60 -24.61
N ALA H 23 34.51 1.81 -24.07
CA ALA H 23 35.73 2.61 -23.98
C ALA H 23 36.25 2.43 -22.56
N ALA H 24 37.46 1.90 -22.42
CA ALA H 24 38.07 1.66 -21.12
C ALA H 24 39.09 2.75 -20.81
N SER H 25 39.14 3.13 -19.53
CA SER H 25 40.12 4.12 -19.07
C SER H 25 40.40 3.80 -17.61
N GLY H 26 41.44 4.42 -17.09
CA GLY H 26 41.86 4.23 -15.73
C GLY H 26 43.12 3.39 -15.66
N ARG H 27 43.26 2.63 -14.59
CA ARG H 27 44.50 1.88 -14.35
C ARG H 27 44.34 0.49 -14.89
N ILE H 28 44.70 0.34 -16.15
CA ILE H 28 44.49 -0.87 -16.92
C ILE H 28 45.77 -1.66 -16.85
N SER H 29 45.67 -2.92 -16.48
CA SER H 29 46.84 -3.75 -16.43
C SER H 29 47.28 -4.12 -17.83
N SER H 30 48.58 -4.41 -17.93
CA SER H 30 49.09 -5.03 -19.14
C SER H 30 48.49 -6.42 -19.35
N ILE H 31 47.97 -7.07 -18.30
CA ILE H 31 47.36 -8.40 -18.38
C ILE H 31 45.93 -8.21 -17.91
N ILE H 32 45.00 -8.24 -18.83
CA ILE H 32 43.62 -7.87 -18.53
C ILE H 32 42.70 -8.72 -19.42
N HIS H 33 41.63 -9.23 -18.80
CA HIS H 33 40.55 -9.87 -19.52
C HIS H 33 39.52 -8.82 -19.91
N MET H 34 39.05 -8.86 -21.14
CA MET H 34 37.97 -7.99 -21.60
C MET H 34 36.92 -8.86 -22.27
N ALA H 35 35.65 -8.54 -22.06
CA ALA H 35 34.58 -9.36 -22.59
C ALA H 35 33.29 -8.57 -22.68
N TRP H 36 32.35 -9.11 -23.45
CA TRP H 36 30.96 -8.75 -23.42
C TRP H 36 30.16 -9.87 -22.81
N PHE H 37 29.26 -9.49 -21.91
CA PHE H 37 28.26 -10.39 -21.33
C PHE H 37 26.88 -9.87 -21.69
N ARG H 38 25.84 -10.69 -21.49
CA ARG H 38 24.46 -10.24 -21.66
C ARG H 38 23.59 -10.93 -20.65
N GLN H 39 22.46 -10.29 -20.38
CA GLN H 39 21.40 -10.87 -19.57
C GLN H 39 20.08 -10.68 -20.29
N ALA H 40 19.56 -11.75 -20.79
CA ALA H 40 18.31 -11.77 -21.53
C ALA H 40 17.14 -11.97 -20.59
N PRO H 41 15.93 -11.54 -20.98
CA PRO H 41 14.75 -11.72 -20.11
C PRO H 41 14.54 -13.20 -19.81
N GLY H 42 14.37 -13.51 -18.52
CA GLY H 42 14.15 -14.89 -18.15
C GLY H 42 15.39 -15.75 -18.07
N LYS H 43 16.58 -15.15 -18.18
CA LYS H 43 17.84 -15.90 -18.13
C LYS H 43 18.84 -15.22 -17.24
N GLU H 44 19.79 -15.98 -16.74
CA GLU H 44 20.93 -15.46 -16.02
C GLU H 44 21.97 -14.86 -17.00
N ARG H 45 22.82 -13.97 -16.47
CA ARG H 45 23.89 -13.35 -17.26
C ARG H 45 24.81 -14.43 -17.81
N GLU H 46 25.27 -14.22 -19.06
CA GLU H 46 26.12 -15.16 -19.74
C GLU H 46 27.21 -14.41 -20.49
N LEU H 47 28.37 -15.03 -20.56
CA LEU H 47 29.42 -14.52 -21.43
C LEU H 47 28.99 -14.65 -22.88
N VAL H 48 29.15 -13.58 -23.63
CA VAL H 48 28.91 -13.54 -25.06
C VAL H 48 30.20 -13.74 -25.84
N SER H 49 31.23 -12.98 -25.51
CA SER H 49 32.50 -13.12 -26.20
C SER H 49 33.60 -12.48 -25.37
N GLU H 50 34.77 -13.06 -25.46
CA GLU H 50 35.96 -12.55 -24.80
C GLU H 50 37.09 -12.45 -25.81
N ILE H 51 38.04 -11.53 -25.59
CA ILE H 51 39.17 -11.35 -26.50
C ILE H 51 40.43 -11.04 -25.71
N SER H 52 41.56 -11.63 -26.14
CA SER H 52 42.85 -11.37 -25.52
C SER H 52 43.56 -10.26 -26.31
N ARG H 53 44.69 -9.78 -25.75
CA ARG H 53 45.44 -8.70 -26.40
C ARG H 53 45.98 -9.12 -27.76
N VAL H 54 46.38 -10.39 -27.93
CA VAL H 54 46.78 -10.89 -29.25
C VAL H 54 45.61 -11.30 -30.15
N GLY H 55 44.38 -11.14 -29.72
CA GLY H 55 43.26 -11.37 -30.58
C GLY H 55 42.62 -12.74 -30.51
N THR H 56 43.02 -13.60 -29.57
CA THR H 56 42.31 -14.86 -29.38
C THR H 56 40.91 -14.52 -28.92
N THR H 57 39.92 -15.22 -29.44
CA THR H 57 38.52 -14.93 -29.11
C THR H 57 37.81 -16.22 -28.74
N VAL H 58 36.81 -16.10 -27.87
CA VAL H 58 35.93 -17.21 -27.57
C VAL H 58 34.55 -16.60 -27.66
N TYR H 59 33.56 -17.37 -28.14
CA TYR H 59 32.20 -16.93 -28.26
C TYR H 59 31.23 -17.94 -27.66
N ALA H 60 30.14 -17.44 -27.11
CA ALA H 60 29.03 -18.31 -26.75
C ALA H 60 28.52 -19.03 -28.00
N ASP H 61 28.12 -20.29 -27.85
CA ASP H 61 27.67 -21.09 -28.98
C ASP H 61 26.55 -20.43 -29.76
N SER H 62 25.65 -19.74 -29.06
CA SER H 62 24.48 -19.18 -29.73
C SER H 62 24.77 -17.99 -30.61
N VAL H 63 25.95 -17.39 -30.51
CA VAL H 63 26.30 -16.21 -31.31
C VAL H 63 27.40 -16.48 -32.33
N LYS H 64 27.99 -17.67 -32.31
CA LYS H 64 29.09 -18.00 -33.23
C LYS H 64 28.69 -17.77 -34.68
N GLY H 65 29.54 -17.05 -35.42
CA GLY H 65 29.29 -16.75 -36.81
C GLY H 65 28.52 -15.50 -37.06
N ARG H 66 27.83 -14.99 -36.05
CA ARG H 66 27.03 -13.77 -36.18
C ARG H 66 27.64 -12.60 -35.47
N PHE H 67 28.28 -12.81 -34.32
CA PHE H 67 28.85 -11.70 -33.57
C PHE H 67 30.36 -11.77 -33.66
N THR H 68 31.03 -10.61 -33.67
CA THR H 68 32.48 -10.50 -33.76
C THR H 68 32.95 -9.50 -32.75
N ILE H 69 33.86 -9.90 -31.87
CA ILE H 69 34.47 -9.02 -30.89
C ILE H 69 35.80 -8.56 -31.48
N SER H 70 36.21 -7.36 -31.13
CA SER H 70 37.52 -6.85 -31.51
C SER H 70 37.90 -5.81 -30.48
N ARG H 71 39.17 -5.44 -30.47
CA ARG H 71 39.62 -4.38 -29.57
C ARG H 71 40.71 -3.62 -30.29
N ASP H 72 40.71 -2.30 -30.11
CA ASP H 72 41.72 -1.42 -30.67
C ASP H 72 42.58 -1.04 -29.46
N ASN H 73 43.74 -1.70 -29.35
CA ASN H 73 44.65 -1.44 -28.25
C ASN H 73 45.14 0.00 -28.26
N SER H 74 45.17 0.64 -29.44
CA SER H 74 45.58 2.04 -29.50
C SER H 74 44.52 2.99 -28.96
N LYS H 75 43.25 2.58 -28.94
CA LYS H 75 42.15 3.41 -28.44
C LYS H 75 41.56 2.92 -27.12
N ASN H 76 42.12 1.85 -26.53
CA ASN H 76 41.58 1.14 -25.35
C ASN H 76 40.06 0.85 -25.44
N THR H 77 39.60 0.51 -26.64
CA THR H 77 38.17 0.37 -26.90
C THR H 77 37.89 -1.04 -27.39
N LEU H 78 36.82 -1.63 -26.87
CA LEU H 78 36.36 -2.96 -27.23
C LEU H 78 35.07 -2.80 -28.01
N TYR H 79 34.88 -3.63 -29.04
CA TYR H 79 33.71 -3.58 -29.89
C TYR H 79 33.02 -4.92 -29.94
N LEU H 80 31.70 -4.91 -30.17
CA LEU H 80 30.94 -6.12 -30.46
C LEU H 80 30.10 -5.81 -31.68
N GLN H 81 30.45 -6.38 -32.80
CA GLN H 81 29.68 -6.27 -34.03
C GLN H 81 28.66 -7.39 -33.98
N MET H 82 27.38 -7.07 -34.14
CA MET H 82 26.33 -8.04 -33.97
C MET H 82 25.56 -8.04 -35.29
N ASN H 83 25.65 -9.11 -36.08
CA ASN H 83 24.93 -9.20 -37.32
C ASN H 83 23.86 -10.28 -37.22
N SER H 84 22.91 -10.28 -38.17
CA SER H 84 21.89 -11.32 -38.27
C SER H 84 21.11 -11.47 -36.96
N LEU H 85 20.70 -10.32 -36.39
CA LEU H 85 20.14 -10.31 -35.04
C LEU H 85 18.81 -11.06 -34.99
N LYS H 86 18.60 -11.75 -33.88
CA LYS H 86 17.44 -12.60 -33.63
C LYS H 86 16.73 -12.10 -32.38
N PRO H 87 15.41 -12.36 -32.24
CA PRO H 87 14.70 -11.94 -31.01
C PRO H 87 15.35 -12.43 -29.73
N GLU H 88 15.96 -13.61 -29.76
CA GLU H 88 16.60 -14.11 -28.56
C GLU H 88 17.91 -13.39 -28.21
N ASP H 89 18.42 -12.52 -29.09
CA ASP H 89 19.54 -11.66 -28.72
C ASP H 89 19.11 -10.46 -27.88
N THR H 90 17.81 -10.25 -27.67
CA THR H 90 17.34 -9.18 -26.81
C THR H 90 17.87 -9.38 -25.39
N ALA H 91 18.48 -8.34 -24.84
CA ALA H 91 19.16 -8.50 -23.56
C ALA H 91 19.77 -7.16 -23.18
N VAL H 92 20.14 -7.01 -21.92
CA VAL H 92 21.06 -5.96 -21.54
C VAL H 92 22.45 -6.51 -21.73
N TYR H 93 23.30 -5.80 -22.48
CA TYR H 93 24.67 -6.20 -22.75
C TYR H 93 25.59 -5.39 -21.85
N TYR H 94 26.63 -6.01 -21.34
CA TYR H 94 27.57 -5.40 -20.41
C TYR H 94 29.00 -5.65 -20.86
N CYS H 95 29.83 -4.60 -20.88
CA CYS H 95 31.26 -4.71 -21.02
C CYS H 95 31.86 -5.05 -19.65
N ASN H 96 32.90 -5.89 -19.65
CA ASN H 96 33.60 -6.31 -18.46
C ASN H 96 35.10 -6.17 -18.66
N ALA H 97 35.77 -5.77 -17.62
CA ALA H 97 37.23 -5.80 -17.51
C ALA H 97 37.58 -6.48 -16.19
N LEU H 98 38.49 -7.46 -16.26
CA LEU H 98 38.82 -8.31 -15.14
C LEU H 98 40.33 -8.49 -15.09
N GLN H 99 40.93 -8.15 -13.98
CA GLN H 99 42.38 -8.23 -13.88
C GLN H 99 42.81 -8.45 -12.44
N TYR H 100 43.99 -9.02 -12.26
CA TYR H 100 44.56 -9.03 -10.93
C TYR H 100 45.15 -7.66 -10.64
N GLU H 101 44.94 -7.21 -9.41
CA GLU H 101 45.52 -6.01 -8.86
C GLU H 101 46.35 -6.40 -7.64
N LYS H 102 46.87 -5.37 -6.96
CA LYS H 102 47.85 -5.56 -5.89
C LYS H 102 47.38 -6.52 -4.83
N HIS H 103 46.09 -6.51 -4.46
CA HIS H 103 45.57 -7.33 -3.38
C HIS H 103 44.59 -8.39 -3.80
N GLY H 104 44.40 -8.62 -5.11
CA GLY H 104 43.48 -9.65 -5.55
C GLY H 104 42.85 -9.27 -6.87
N GLY H 105 41.90 -10.10 -7.30
CA GLY H 105 41.22 -9.84 -8.53
C GLY H 105 40.29 -8.64 -8.41
N ALA H 106 40.12 -7.92 -9.52
CA ALA H 106 39.25 -6.76 -9.61
C ALA H 106 38.40 -6.88 -10.86
N ASP H 107 37.09 -6.69 -10.67
CA ASP H 107 36.07 -6.95 -11.66
C ASP H 107 35.28 -5.67 -11.91
N TYR H 108 35.34 -5.15 -13.14
CA TYR H 108 34.72 -3.87 -13.50
C TYR H 108 33.65 -4.11 -14.54
N TRP H 109 32.53 -3.41 -14.40
CA TRP H 109 31.40 -3.54 -15.31
C TRP H 109 31.02 -2.17 -15.88
N GLY H 110 30.68 -2.15 -17.16
CA GLY H 110 30.01 -0.97 -17.74
C GLY H 110 28.59 -0.85 -17.23
N GLN H 111 27.90 0.23 -17.67
CA GLN H 111 26.61 0.55 -17.08
C GLN H 111 25.51 -0.44 -17.50
N GLY H 112 25.69 -1.06 -18.66
CA GLY H 112 24.71 -1.87 -19.35
C GLY H 112 24.09 -1.11 -20.52
N THR H 113 23.88 -1.78 -21.64
CA THR H 113 23.34 -1.22 -22.86
C THR H 113 22.23 -2.15 -23.32
N LEU H 114 21.02 -1.63 -23.42
CA LEU H 114 19.87 -2.45 -23.79
C LEU H 114 19.87 -2.66 -25.30
N VAL H 115 19.60 -3.88 -25.70
CA VAL H 115 19.39 -4.26 -27.09
C VAL H 115 18.04 -4.98 -27.17
N THR H 116 17.11 -4.49 -28.01
CA THR H 116 15.82 -5.14 -28.18
C THR H 116 15.64 -5.42 -29.66
N VAL H 117 15.54 -6.70 -29.99
CA VAL H 117 15.38 -7.16 -31.36
C VAL H 117 13.94 -7.64 -31.47
N SER H 118 13.14 -6.99 -32.30
CA SER H 118 11.75 -7.40 -32.40
C SER H 118 11.14 -6.85 -33.67
N SER H 119 10.25 -7.66 -34.24
CA SER H 119 9.31 -7.16 -35.25
C SER H 119 8.10 -6.50 -34.62
N HIS H 120 7.72 -6.81 -33.35
CA HIS H 120 6.52 -6.18 -32.70
C HIS H 120 6.98 -5.26 -31.56
N HIS H 121 7.62 -4.17 -31.95
CA HIS H 121 7.94 -3.13 -30.98
C HIS H 121 6.70 -2.29 -30.68
#